data_6HKE
#
_entry.id   6HKE
#
_cell.length_a   80.800
_cell.length_b   205.750
_cell.length_c   47.620
_cell.angle_alpha   90.00
_cell.angle_beta   90.00
_cell.angle_gamma   90.00
#
_symmetry.space_group_name_H-M   'P 21 21 21'
#
loop_
_entity.id
_entity.type
_entity.pdbx_description
1 polymer 'Possible TctC subunit of the Tripartite Tricarboxylate Transport(TTT) Family'
2 non-polymer D-MALATE
3 non-polymer '(2S)-2-hydroxybutanedioic acid'
4 water water
#
_entity_poly.entity_id   1
_entity_poly.type   'polypeptide(L)'
_entity_poly.pdbx_seq_one_letter_code
;MASEPDRLDQIDFPVRTVTVVVPFAKGGPTDTVARLITAEMAKTLGQPIEIENMLGAGGTLAATRVAHAAPDGHTLIVGH
LGTHGAAVALFPKLAYRPDKDFTPVALLTEMPVLLLARKQFPPKDLSEFASYVESHTDNLNVAHAGFGSVSYASCLLLNR
LLKVDPTGVPFSGTGPALQALVEGQVDYMCDQIVNAVPALREGKVKAYVIAASERDPVVPDVPTAREAGLPGFQVGAWTG
LFAPRGTPEPIVAKLNAAVSRALDQSDVRTRLTDLGALVPRPEQRAPVVLAQLVQEEISRWEDVVEGTTPLEHHHHHH
;
_entity_poly.pdbx_strand_id   A,B,C
#
loop_
_chem_comp.id
_chem_comp.type
_chem_comp.name
_chem_comp.formula
LMR non-polymer '(2S)-2-hydroxybutanedioic acid' 'C4 H6 O5'
MLT non-polymer D-MALATE 'C4 H6 O5'
#
# COMPACT_ATOMS: atom_id res chain seq x y z
N PHE A 13 -3.35 -13.22 -30.59
CA PHE A 13 -2.75 -12.31 -29.58
C PHE A 13 -1.29 -12.65 -29.35
N PRO A 14 -0.36 -11.68 -29.25
CA PRO A 14 -0.62 -10.29 -29.61
C PRO A 14 -0.63 -10.05 -31.12
N VAL A 15 -1.25 -8.95 -31.55
CA VAL A 15 -1.30 -8.43 -32.96
C VAL A 15 -0.33 -7.25 -33.14
N ARG A 16 0.28 -6.78 -32.06
CA ARG A 16 1.16 -5.58 -32.11
C ARG A 16 1.93 -5.48 -30.81
N THR A 17 2.74 -4.43 -30.68
CA THR A 17 3.59 -4.17 -29.49
C THR A 17 2.68 -4.17 -28.25
N VAL A 18 3.07 -4.92 -27.22
CA VAL A 18 2.36 -4.90 -25.91
C VAL A 18 2.98 -3.76 -25.07
N THR A 19 2.13 -2.92 -24.48
CA THR A 19 2.53 -1.87 -23.52
C THR A 19 2.40 -2.42 -22.10
N VAL A 20 3.52 -2.42 -21.36
CA VAL A 20 3.56 -2.74 -19.92
C VAL A 20 3.90 -1.41 -19.24
N VAL A 21 2.94 -0.93 -18.48
CA VAL A 21 3.00 0.37 -17.77
C VAL A 21 3.60 0.10 -16.40
N VAL A 22 4.58 0.92 -16.02
CA VAL A 22 5.25 0.96 -14.70
C VAL A 22 4.92 2.30 -14.03
N PRO A 23 4.38 2.29 -12.79
CA PRO A 23 3.95 3.51 -12.11
C PRO A 23 5.07 4.45 -11.64
N PHE A 24 6.32 3.99 -11.71
CA PHE A 24 7.48 4.65 -11.05
C PHE A 24 8.59 4.96 -12.05
N ALA A 25 9.44 5.88 -11.64
CA ALA A 25 10.55 6.45 -12.44
C ALA A 25 11.51 5.32 -12.87
N LYS A 26 12.03 5.47 -14.08
CA LYS A 26 13.07 4.59 -14.68
C LYS A 26 14.22 4.41 -13.67
N GLY A 27 14.84 3.23 -13.63
CA GLY A 27 16.02 2.95 -12.79
C GLY A 27 15.65 2.37 -11.42
N GLY A 28 14.42 2.58 -10.95
CA GLY A 28 13.98 2.06 -9.64
C GLY A 28 13.59 0.58 -9.70
N PRO A 29 13.25 -0.04 -8.54
CA PRO A 29 13.04 -1.48 -8.47
C PRO A 29 11.97 -2.01 -9.42
N THR A 30 10.80 -1.35 -9.47
CA THR A 30 9.66 -1.83 -10.26
C THR A 30 10.06 -1.80 -11.75
N ASP A 31 10.59 -0.67 -12.20
CA ASP A 31 11.13 -0.49 -13.57
C ASP A 31 12.19 -1.57 -13.88
N THR A 32 13.12 -1.83 -12.96
CA THR A 32 14.28 -2.75 -13.14
C THR A 32 13.75 -4.17 -13.38
N VAL A 33 12.80 -4.59 -12.55
CA VAL A 33 12.14 -5.92 -12.59
C VAL A 33 11.39 -6.07 -13.92
N ALA A 34 10.50 -5.12 -14.23
CA ALA A 34 9.64 -5.14 -15.44
C ALA A 34 10.51 -5.19 -16.70
N ARG A 35 11.58 -4.41 -16.78
CA ARG A 35 12.40 -4.36 -18.00
C ARG A 35 13.09 -5.71 -18.22
N LEU A 36 13.54 -6.30 -17.13
CA LEU A 36 14.30 -7.57 -17.13
C LEU A 36 13.37 -8.71 -17.59
N ILE A 37 12.13 -8.77 -17.08
CA ILE A 37 11.22 -9.89 -17.39
C ILE A 37 10.55 -9.68 -18.77
N THR A 38 10.03 -8.48 -19.04
CA THR A 38 9.27 -8.19 -20.27
C THR A 38 10.13 -8.38 -21.52
N ALA A 39 11.42 -8.04 -21.50
CA ALA A 39 12.33 -8.29 -22.65
C ALA A 39 12.35 -9.78 -23.00
N GLU A 40 12.42 -10.67 -22.01
CA GLU A 40 12.47 -12.13 -22.28
C GLU A 40 11.08 -12.59 -22.74
N MET A 41 10.00 -11.97 -22.25
CA MET A 41 8.60 -12.33 -22.57
C MET A 41 8.35 -12.25 -24.09
N ALA A 42 8.99 -11.32 -24.81
CA ALA A 42 8.80 -11.14 -26.26
C ALA A 42 9.05 -12.47 -27.02
N LYS A 43 9.93 -13.34 -26.52
CA LYS A 43 10.27 -14.64 -27.16
C LYS A 43 9.07 -15.59 -27.19
N THR A 44 8.18 -15.54 -26.20
CA THR A 44 6.97 -16.38 -26.16
C THR A 44 5.84 -15.68 -26.93
N LEU A 45 5.71 -14.37 -26.82
CA LEU A 45 4.56 -13.64 -27.39
C LEU A 45 4.70 -13.46 -28.91
N GLY A 46 5.92 -13.33 -29.44
CA GLY A 46 6.17 -13.10 -30.88
C GLY A 46 6.03 -11.63 -31.26
N GLN A 47 5.84 -10.76 -30.27
CA GLN A 47 5.77 -9.29 -30.48
C GLN A 47 6.65 -8.62 -29.43
N PRO A 48 7.24 -7.45 -29.73
CA PRO A 48 8.02 -6.74 -28.73
C PRO A 48 7.14 -6.19 -27.60
N ILE A 49 7.74 -5.94 -26.45
CA ILE A 49 7.04 -5.34 -25.28
C ILE A 49 7.66 -3.97 -25.03
N GLU A 50 6.80 -2.96 -24.96
CA GLU A 50 7.18 -1.54 -24.73
C GLU A 50 6.93 -1.25 -23.24
N ILE A 51 7.90 -0.67 -22.54
CA ILE A 51 7.74 -0.26 -21.12
C ILE A 51 7.40 1.23 -21.12
N GLU A 52 6.28 1.62 -20.51
CA GLU A 52 5.85 3.03 -20.36
C GLU A 52 5.89 3.34 -18.86
N ASN A 53 6.72 4.31 -18.46
CA ASN A 53 6.84 4.78 -17.06
C ASN A 53 5.84 5.93 -16.95
N MET A 54 4.83 5.76 -16.10
CA MET A 54 3.69 6.70 -16.01
C MET A 54 3.57 7.13 -14.55
N LEU A 55 4.02 8.34 -14.26
CA LEU A 55 4.15 8.86 -12.89
C LEU A 55 2.89 9.62 -12.53
N GLY A 56 2.57 9.65 -11.25
CA GLY A 56 1.53 10.53 -10.71
C GLY A 56 0.68 9.82 -9.68
N ALA A 57 0.08 10.61 -8.79
CA ALA A 57 -0.99 10.20 -7.87
C ALA A 57 -0.39 9.15 -6.93
N GLY A 58 0.81 9.46 -6.44
CA GLY A 58 1.65 8.60 -5.58
C GLY A 58 1.70 7.16 -6.04
N GLY A 59 1.87 6.94 -7.34
CA GLY A 59 2.14 5.60 -7.88
C GLY A 59 0.87 4.89 -8.31
N THR A 60 -0.29 5.57 -8.27
CA THR A 60 -1.62 4.96 -8.54
C THR A 60 -2.23 5.43 -9.85
N LEU A 61 -1.76 6.54 -10.45
CA LEU A 61 -2.25 7.04 -11.75
C LEU A 61 -2.11 5.97 -12.83
N ALA A 62 -0.96 5.29 -12.93
CA ALA A 62 -0.73 4.26 -13.96
C ALA A 62 -1.85 3.22 -13.88
N ALA A 63 -2.08 2.68 -12.68
CA ALA A 63 -3.07 1.61 -12.42
C ALA A 63 -4.48 2.14 -12.72
N THR A 64 -4.74 3.41 -12.42
CA THR A 64 -6.05 4.05 -12.73
C THR A 64 -6.25 4.07 -14.25
N ARG A 65 -5.25 4.52 -15.02
CA ARG A 65 -5.37 4.59 -16.51
C ARG A 65 -5.51 3.17 -17.06
N VAL A 66 -4.77 2.19 -16.53
CA VAL A 66 -4.84 0.81 -17.07
C VAL A 66 -6.15 0.12 -16.63
N ALA A 67 -6.72 0.48 -15.49
CA ALA A 67 -8.08 0.03 -15.09
C ALA A 67 -9.06 0.35 -16.22
N HIS A 68 -8.80 1.44 -16.97
CA HIS A 68 -9.68 2.04 -18.00
C HIS A 68 -9.22 1.68 -19.42
N ALA A 69 -8.10 0.96 -19.58
CA ALA A 69 -7.55 0.55 -20.89
C ALA A 69 -8.48 -0.51 -21.50
N ALA A 70 -8.36 -0.72 -22.82
CA ALA A 70 -9.01 -1.80 -23.59
C ALA A 70 -8.58 -3.15 -23.00
N PRO A 71 -9.52 -4.03 -22.58
CA PRO A 71 -9.17 -5.36 -22.08
C PRO A 71 -8.78 -6.37 -23.17
N ASP A 72 -7.81 -6.02 -24.01
CA ASP A 72 -7.39 -6.85 -25.18
C ASP A 72 -6.03 -7.49 -24.87
N GLY A 73 -5.42 -7.18 -23.73
CA GLY A 73 -4.13 -7.75 -23.34
C GLY A 73 -2.93 -6.93 -23.81
N HIS A 74 -3.13 -5.90 -24.64
CA HIS A 74 -2.02 -5.09 -25.21
C HIS A 74 -1.61 -3.98 -24.24
N THR A 75 -2.40 -3.70 -23.18
CA THR A 75 -2.08 -2.68 -22.15
C THR A 75 -2.14 -3.33 -20.77
N LEU A 76 -0.97 -3.48 -20.14
CA LEU A 76 -0.80 -4.19 -18.85
C LEU A 76 -0.21 -3.22 -17.84
N ILE A 77 -0.36 -3.53 -16.54
CA ILE A 77 0.21 -2.71 -15.44
C ILE A 77 1.04 -3.66 -14.57
N VAL A 78 2.25 -3.22 -14.23
CA VAL A 78 3.02 -3.77 -13.09
C VAL A 78 2.48 -3.13 -11.82
N GLY A 79 1.99 -3.95 -10.91
CA GLY A 79 1.57 -3.54 -9.57
C GLY A 79 2.41 -4.22 -8.52
N HIS A 80 2.34 -3.75 -7.29
CA HIS A 80 3.11 -4.36 -6.19
C HIS A 80 2.33 -4.18 -4.88
N LEU A 81 2.97 -4.57 -3.79
CA LEU A 81 2.39 -4.55 -2.43
C LEU A 81 1.75 -3.18 -2.14
N GLY A 82 2.29 -2.08 -2.70
CA GLY A 82 1.72 -0.73 -2.54
C GLY A 82 0.50 -0.49 -3.42
N THR A 83 0.68 -0.51 -4.75
CA THR A 83 -0.34 0.00 -5.69
C THR A 83 -1.57 -0.90 -5.63
N HIS A 84 -1.36 -2.20 -5.32
CA HIS A 84 -2.41 -3.25 -5.41
C HIS A 84 -2.59 -3.93 -4.06
N GLY A 85 -2.31 -3.22 -2.96
CA GLY A 85 -2.36 -3.80 -1.60
C GLY A 85 -2.60 -2.74 -0.56
N ALA A 86 -1.52 -2.22 0.01
CA ALA A 86 -1.51 -1.19 1.08
C ALA A 86 -2.32 0.04 0.65
N ALA A 87 -2.38 0.37 -0.65
CA ALA A 87 -3.02 1.61 -1.14
C ALA A 87 -4.49 1.69 -0.69
N VAL A 88 -5.17 0.55 -0.62
CA VAL A 88 -6.61 0.48 -0.20
C VAL A 88 -6.72 1.08 1.20
N ALA A 89 -5.86 0.66 2.13
CA ALA A 89 -5.86 1.09 3.55
C ALA A 89 -5.27 2.50 3.71
N LEU A 90 -4.26 2.89 2.92
CA LEU A 90 -3.41 4.09 3.20
C LEU A 90 -3.77 5.29 2.31
N PHE A 91 -4.39 5.05 1.15
CA PHE A 91 -4.64 6.08 0.10
C PHE A 91 -6.10 6.52 0.18
N PRO A 92 -6.36 7.78 0.57
CA PRO A 92 -7.71 8.31 0.57
C PRO A 92 -8.24 8.42 -0.86
N LYS A 93 -9.45 7.88 -1.10
CA LYS A 93 -10.18 7.99 -2.38
C LYS A 93 -9.38 7.27 -3.49
N LEU A 94 -8.89 6.05 -3.21
CA LEU A 94 -8.19 5.26 -4.25
C LEU A 94 -9.18 5.01 -5.38
N ALA A 95 -8.76 5.22 -6.64
CA ALA A 95 -9.62 5.30 -7.84
C ALA A 95 -10.01 3.90 -8.33
N TYR A 96 -9.41 2.83 -7.81
CA TYR A 96 -9.64 1.45 -8.28
C TYR A 96 -9.63 0.52 -7.08
N ARG A 97 -10.16 -0.68 -7.27
CA ARG A 97 -10.06 -1.82 -6.33
C ARG A 97 -8.97 -2.73 -6.91
N PRO A 98 -7.85 -2.98 -6.21
CA PRO A 98 -6.81 -3.80 -6.79
C PRO A 98 -7.24 -5.26 -7.05
N ASP A 99 -8.23 -5.77 -6.30
CA ASP A 99 -8.78 -7.14 -6.51
C ASP A 99 -9.71 -7.15 -7.73
N LYS A 100 -10.58 -6.16 -7.89
CA LYS A 100 -11.76 -6.28 -8.76
C LYS A 100 -11.64 -5.45 -10.04
N ASP A 101 -10.71 -4.50 -10.14
CA ASP A 101 -10.59 -3.65 -11.35
C ASP A 101 -9.44 -4.15 -12.23
N PHE A 102 -8.92 -5.35 -11.95
CA PHE A 102 -7.76 -5.97 -12.65
C PHE A 102 -7.95 -7.48 -12.75
N THR A 103 -7.46 -8.00 -13.88
CA THR A 103 -7.23 -9.44 -14.08
C THR A 103 -5.76 -9.69 -13.80
N PRO A 104 -5.46 -10.32 -12.65
CA PRO A 104 -4.09 -10.74 -12.32
C PRO A 104 -3.57 -11.65 -13.44
N VAL A 105 -2.33 -11.44 -13.88
CA VAL A 105 -1.69 -12.28 -14.91
C VAL A 105 -0.69 -13.21 -14.22
N ALA A 106 0.26 -12.63 -13.47
CA ALA A 106 1.47 -13.34 -12.99
C ALA A 106 2.17 -12.59 -11.86
N LEU A 107 2.50 -13.29 -10.77
CA LEU A 107 3.58 -12.88 -9.83
C LEU A 107 4.90 -12.84 -10.62
N LEU A 108 5.62 -11.71 -10.56
CA LEU A 108 6.92 -11.52 -11.25
C LEU A 108 8.07 -11.84 -10.31
N THR A 109 7.98 -11.35 -9.07
CA THR A 109 9.01 -11.50 -8.03
C THR A 109 8.44 -11.13 -6.67
N GLU A 110 9.22 -11.46 -5.65
CA GLU A 110 8.98 -11.12 -4.23
C GLU A 110 10.35 -10.84 -3.66
N MET A 111 10.45 -9.82 -2.82
CA MET A 111 11.74 -9.44 -2.22
C MET A 111 11.48 -8.72 -0.90
N PRO A 112 12.43 -8.82 0.06
CA PRO A 112 12.34 -8.02 1.27
C PRO A 112 12.63 -6.53 1.04
N VAL A 113 12.17 -5.76 2.00
CA VAL A 113 12.38 -4.30 2.16
C VAL A 113 13.43 -4.11 3.25
N LEU A 114 14.28 -3.08 3.07
CA LEU A 114 15.38 -2.67 3.96
C LEU A 114 15.14 -1.25 4.45
N LEU A 115 15.45 -1.00 5.72
CA LEU A 115 15.54 0.38 6.26
C LEU A 115 16.94 0.90 5.95
N LEU A 116 17.05 1.88 5.03
CA LEU A 116 18.35 2.49 4.64
C LEU A 116 18.44 3.87 5.26
N ALA A 117 19.65 4.37 5.45
CA ALA A 117 19.85 5.79 5.78
C ALA A 117 21.04 6.31 5.01
N ARG A 118 21.13 7.63 4.95
CA ARG A 118 22.34 8.35 4.46
C ARG A 118 23.55 7.85 5.27
N LYS A 119 24.69 7.70 4.57
CA LYS A 119 26.00 7.19 5.05
C LYS A 119 26.32 7.64 6.49
N GLN A 120 26.16 8.94 6.76
CA GLN A 120 26.62 9.60 8.01
C GLN A 120 25.45 9.70 9.00
N PHE A 121 24.34 9.00 8.77
CA PHE A 121 23.22 9.03 9.72
C PHE A 121 23.77 8.55 11.06
N PRO A 122 23.79 9.42 12.10
CA PRO A 122 24.48 9.09 13.35
C PRO A 122 24.08 7.83 14.12
N PRO A 123 22.82 7.37 14.16
CA PRO A 123 22.53 6.12 14.87
C PRO A 123 23.32 4.96 14.23
N LYS A 124 23.83 4.04 15.03
CA LYS A 124 24.67 2.91 14.54
C LYS A 124 23.84 1.62 14.51
N ASP A 125 22.73 1.58 15.26
CA ASP A 125 21.80 0.42 15.26
C ASP A 125 20.37 0.93 15.49
N LEU A 126 19.40 0.01 15.56
CA LEU A 126 17.95 0.34 15.54
C LEU A 126 17.52 0.97 16.88
N SER A 127 18.12 0.51 17.99
CA SER A 127 18.05 1.15 19.34
C SER A 127 18.29 2.65 19.21
N GLU A 128 19.51 3.05 18.85
CA GLU A 128 19.92 4.47 18.68
C GLU A 128 19.02 5.14 17.64
N PHE A 129 18.63 4.41 16.60
CA PHE A 129 17.84 4.95 15.46
C PHE A 129 16.50 5.48 15.96
N ALA A 130 15.79 4.71 16.79
CA ALA A 130 14.49 5.07 17.39
C ALA A 130 14.64 6.34 18.26
N SER A 131 15.70 6.40 19.08
CA SER A 131 15.97 7.50 20.04
C SER A 131 16.22 8.81 19.27
N TYR A 132 16.94 8.72 18.17
CA TYR A 132 17.42 9.89 17.38
C TYR A 132 16.29 10.45 16.52
N VAL A 133 15.40 9.60 16.02
CA VAL A 133 14.23 10.07 15.22
C VAL A 133 13.22 10.65 16.23
N GLU A 134 13.00 9.97 17.36
CA GLU A 134 12.15 10.45 18.48
C GLU A 134 12.56 11.87 18.91
N SER A 135 13.83 12.25 18.76
CA SER A 135 14.44 13.48 19.32
C SER A 135 14.59 14.60 18.28
N HIS A 136 14.75 14.25 17.01
CA HIS A 136 15.02 15.23 15.93
C HIS A 136 13.83 15.25 14.98
N THR A 137 12.71 14.64 15.39
CA THR A 137 11.59 14.22 14.51
C THR A 137 11.07 15.39 13.68
N ASP A 138 11.34 16.65 14.05
CA ASP A 138 11.04 17.84 13.21
C ASP A 138 11.97 17.90 12.01
N ASN A 139 13.29 17.87 12.26
CA ASN A 139 14.35 18.17 11.25
C ASN A 139 14.63 16.97 10.34
N LEU A 140 13.91 15.86 10.50
CA LEU A 140 14.16 14.62 9.71
C LEU A 140 13.22 14.57 8.49
N ASN A 141 13.75 14.05 7.39
CA ASN A 141 13.06 13.81 6.11
C ASN A 141 13.16 12.33 5.77
N VAL A 142 12.02 11.67 5.64
CA VAL A 142 11.90 10.25 5.18
C VAL A 142 11.46 10.29 3.73
N ALA A 143 12.18 9.58 2.87
CA ALA A 143 11.88 9.50 1.44
C ALA A 143 10.88 8.37 1.19
N HIS A 144 9.91 8.60 0.32
CA HIS A 144 9.00 7.56 -0.23
C HIS A 144 8.62 7.98 -1.65
N ALA A 145 7.97 7.09 -2.41
CA ALA A 145 7.47 7.31 -3.78
C ALA A 145 5.94 7.43 -3.80
N GLY A 146 5.32 7.99 -2.76
CA GLY A 146 3.87 8.29 -2.72
C GLY A 146 3.05 7.26 -1.96
N PHE A 147 1.79 7.59 -1.66
CA PHE A 147 0.91 6.81 -0.75
C PHE A 147 0.60 5.41 -1.35
N GLY A 148 0.82 5.21 -2.65
CA GLY A 148 0.63 3.90 -3.30
C GLY A 148 1.92 3.11 -3.40
N SER A 149 3.00 3.61 -2.80
CA SER A 149 4.36 3.04 -2.88
C SER A 149 4.61 2.07 -1.70
N VAL A 150 5.49 1.10 -1.95
CA VAL A 150 6.08 0.17 -0.95
C VAL A 150 6.87 1.02 0.05
N SER A 151 7.65 1.97 -0.44
CA SER A 151 8.54 2.83 0.38
C SER A 151 7.67 3.53 1.42
N TYR A 152 6.50 4.05 1.03
CA TYR A 152 5.57 4.78 1.93
C TYR A 152 4.97 3.78 2.92
N ALA A 153 4.37 2.71 2.41
CA ALA A 153 3.70 1.68 3.24
C ALA A 153 4.68 1.18 4.30
N SER A 154 5.89 0.79 3.88
CA SER A 154 6.98 0.31 4.78
C SER A 154 7.40 1.37 5.82
N CYS A 155 7.55 2.66 5.46
CA CYS A 155 8.01 3.73 6.38
C CYS A 155 6.87 4.08 7.34
N LEU A 156 5.63 4.05 6.89
CA LEU A 156 4.47 4.26 7.79
C LEU A 156 4.41 3.12 8.82
N LEU A 157 4.71 1.88 8.41
CA LEU A 157 4.68 0.73 9.34
C LEU A 157 5.78 0.92 10.39
N LEU A 158 7.01 1.18 9.93
CA LEU A 158 8.19 1.42 10.80
C LEU A 158 7.90 2.60 11.74
N ASN A 159 7.51 3.76 11.22
CA ASN A 159 7.27 4.98 12.04
C ASN A 159 6.17 4.74 13.07
N ARG A 160 5.12 4.00 12.75
CA ARG A 160 4.02 3.65 13.70
C ARG A 160 4.50 2.67 14.76
N LEU A 161 5.37 1.73 14.40
CA LEU A 161 5.99 0.78 15.35
C LEU A 161 6.85 1.56 16.34
N LEU A 162 7.64 2.53 15.85
CA LEU A 162 8.59 3.32 16.67
C LEU A 162 7.90 4.55 17.26
N LYS A 163 6.65 4.82 16.87
CA LYS A 163 5.83 5.94 17.45
C LYS A 163 6.52 7.27 17.17
N VAL A 164 7.03 7.43 15.96
CA VAL A 164 7.61 8.71 15.44
C VAL A 164 6.84 9.09 14.18
N ASP A 165 6.62 10.39 13.96
CA ASP A 165 5.97 10.91 12.73
C ASP A 165 6.84 12.02 12.15
N PRO A 166 8.01 11.68 11.57
CA PRO A 166 8.81 12.66 10.82
C PRO A 166 8.14 13.06 9.50
N THR A 167 8.58 14.17 8.91
CA THR A 167 8.17 14.61 7.55
C THR A 167 8.47 13.52 6.51
N GLY A 168 7.50 13.22 5.64
CA GLY A 168 7.72 12.43 4.41
C GLY A 168 8.03 13.36 3.25
N VAL A 169 8.98 12.98 2.40
CA VAL A 169 9.31 13.72 1.14
C VAL A 169 8.98 12.76 0.01
N PRO A 170 7.99 13.11 -0.86
CA PRO A 170 7.56 12.22 -1.93
C PRO A 170 8.47 12.34 -3.16
N PHE A 171 8.81 11.19 -3.76
CA PHE A 171 9.62 11.08 -4.99
C PHE A 171 8.79 10.39 -6.08
N SER A 172 9.24 10.49 -7.32
CA SER A 172 8.66 9.82 -8.52
C SER A 172 8.96 8.32 -8.50
N GLY A 173 9.87 7.88 -7.63
CA GLY A 173 10.25 6.46 -7.41
C GLY A 173 11.34 6.37 -6.36
N THR A 174 11.76 5.15 -5.99
CA THR A 174 12.89 4.98 -5.04
C THR A 174 14.21 5.01 -5.81
N GLY A 175 14.17 5.03 -7.14
CA GLY A 175 15.38 5.37 -7.92
C GLY A 175 15.85 6.78 -7.61
N PRO A 176 15.05 7.82 -7.94
CA PRO A 176 15.34 9.18 -7.49
C PRO A 176 15.49 9.32 -5.96
N ALA A 177 14.62 8.70 -5.16
CA ALA A 177 14.69 8.79 -3.68
C ALA A 177 16.04 8.24 -3.19
N LEU A 178 16.54 7.16 -3.79
CA LEU A 178 17.83 6.55 -3.38
C LEU A 178 18.94 7.56 -3.64
N GLN A 179 19.01 8.13 -4.84
CA GLN A 179 20.03 9.15 -5.21
C GLN A 179 20.00 10.30 -4.19
N ALA A 180 18.81 10.71 -3.74
CA ALA A 180 18.63 11.75 -2.70
C ALA A 180 19.25 11.28 -1.37
N LEU A 181 19.15 9.98 -1.06
CA LEU A 181 19.73 9.37 0.16
C LEU A 181 21.26 9.30 0.01
N VAL A 182 21.76 8.99 -1.18
CA VAL A 182 23.21 8.94 -1.52
C VAL A 182 23.84 10.32 -1.35
N GLU A 183 23.12 11.39 -1.68
CA GLU A 183 23.62 12.79 -1.56
C GLU A 183 23.28 13.34 -0.18
N GLY A 184 22.67 12.55 0.69
CA GLY A 184 22.27 12.95 2.06
C GLY A 184 21.23 14.06 2.07
N GLN A 185 20.41 14.20 1.01
CA GLN A 185 19.32 15.21 0.90
C GLN A 185 18.13 14.73 1.74
N VAL A 186 18.08 13.43 2.04
CA VAL A 186 17.05 12.81 2.92
C VAL A 186 17.77 11.87 3.90
N ASP A 187 17.09 11.51 4.99
CA ASP A 187 17.70 10.87 6.19
C ASP A 187 17.51 9.36 6.12
N TYR A 188 16.30 8.88 5.93
CA TYR A 188 16.08 7.43 5.74
C TYR A 188 14.91 7.15 4.80
N MET A 189 14.75 5.87 4.55
CA MET A 189 13.96 5.32 3.44
C MET A 189 13.80 3.83 3.73
N CYS A 190 12.61 3.28 3.51
CA CYS A 190 12.42 1.81 3.40
C CYS A 190 12.38 1.52 1.92
N ASP A 191 13.27 0.64 1.44
CA ASP A 191 13.35 0.35 -0.02
C ASP A 191 13.40 -1.16 -0.26
N GLN A 192 12.91 -1.56 -1.42
CA GLN A 192 13.05 -2.92 -2.00
C GLN A 192 14.55 -3.23 -2.21
N ILE A 193 14.93 -4.46 -1.88
CA ILE A 193 16.35 -4.91 -1.87
C ILE A 193 16.98 -4.70 -3.25
N VAL A 194 16.27 -4.95 -4.35
CA VAL A 194 16.86 -4.81 -5.73
C VAL A 194 17.31 -3.37 -5.97
N ASN A 195 16.61 -2.38 -5.44
CA ASN A 195 17.09 -0.98 -5.56
C ASN A 195 18.28 -0.74 -4.63
N ALA A 196 18.24 -1.28 -3.41
CA ALA A 196 19.19 -0.92 -2.33
C ALA A 196 20.56 -1.56 -2.59
N VAL A 197 20.61 -2.73 -3.22
CA VAL A 197 21.83 -3.60 -3.18
C VAL A 197 22.98 -2.85 -3.85
N PRO A 198 22.84 -2.35 -5.09
CA PRO A 198 23.96 -1.70 -5.78
C PRO A 198 24.55 -0.51 -5.01
N ALA A 199 23.72 0.27 -4.32
CA ALA A 199 24.17 1.42 -3.49
C ALA A 199 24.97 0.91 -2.27
N LEU A 200 24.51 -0.15 -1.61
CA LEU A 200 25.19 -0.79 -0.44
C LEU A 200 26.54 -1.35 -0.89
N ARG A 201 26.56 -2.04 -2.03
CA ARG A 201 27.77 -2.68 -2.61
C ARG A 201 28.81 -1.62 -2.99
N GLU A 202 28.40 -0.37 -3.27
CA GLU A 202 29.32 0.76 -3.55
C GLU A 202 29.58 1.56 -2.27
N GLY A 203 28.96 1.17 -1.15
CA GLY A 203 29.07 1.83 0.17
C GLY A 203 28.40 3.19 0.23
N LYS A 204 27.46 3.50 -0.66
CA LYS A 204 26.88 4.88 -0.79
C LYS A 204 25.74 5.10 0.21
N VAL A 205 25.17 4.04 0.79
CA VAL A 205 24.15 4.18 1.86
C VAL A 205 24.37 3.04 2.84
N LYS A 206 23.60 3.00 3.91
CA LYS A 206 23.67 1.90 4.89
C LYS A 206 22.24 1.39 5.18
N ALA A 207 22.14 0.10 5.53
CA ALA A 207 20.92 -0.60 5.98
C ALA A 207 21.01 -0.71 7.50
N TYR A 208 19.91 -0.49 8.22
CA TYR A 208 19.82 -0.79 9.67
C TYR A 208 19.24 -2.19 9.84
N VAL A 209 18.08 -2.48 9.23
CA VAL A 209 17.43 -3.81 9.36
C VAL A 209 16.81 -4.20 8.02
N ILE A 210 16.55 -5.50 7.86
CA ILE A 210 15.76 -6.10 6.75
C ILE A 210 14.42 -6.51 7.35
N ALA A 211 13.33 -6.14 6.70
CA ALA A 211 11.95 -6.38 7.19
C ALA A 211 11.53 -7.79 6.76
N ALA A 212 12.20 -8.79 7.32
CA ALA A 212 12.08 -10.22 6.95
C ALA A 212 12.29 -11.07 8.21
N SER A 213 11.84 -12.32 8.15
CA SER A 213 12.00 -13.37 9.19
C SER A 213 13.46 -13.82 9.28
N GLU A 214 14.15 -13.84 8.14
CA GLU A 214 15.49 -14.44 7.97
C GLU A 214 16.38 -13.41 7.26
N ARG A 215 17.68 -13.43 7.56
CA ARG A 215 18.68 -12.57 6.88
C ARG A 215 18.68 -12.97 5.41
N ASP A 216 18.93 -12.02 4.52
CA ASP A 216 19.03 -12.31 3.08
C ASP A 216 20.50 -12.58 2.75
N PRO A 217 20.83 -13.70 2.08
CA PRO A 217 22.22 -13.97 1.74
C PRO A 217 22.91 -12.95 0.80
N VAL A 218 22.20 -12.07 0.08
CA VAL A 218 22.88 -10.99 -0.71
C VAL A 218 23.24 -9.82 0.20
N VAL A 219 22.65 -9.73 1.41
CA VAL A 219 23.05 -8.70 2.40
C VAL A 219 23.13 -9.37 3.78
N PRO A 220 24.05 -10.34 3.95
CA PRO A 220 24.02 -11.21 5.13
C PRO A 220 24.43 -10.52 6.43
N ASP A 221 25.08 -9.35 6.35
CA ASP A 221 25.56 -8.58 7.55
C ASP A 221 24.44 -7.63 8.06
N VAL A 222 23.27 -7.62 7.43
CA VAL A 222 22.09 -6.80 7.85
C VAL A 222 21.16 -7.62 8.74
N PRO A 223 20.92 -7.21 10.00
CA PRO A 223 20.06 -7.97 10.91
C PRO A 223 18.56 -7.85 10.57
N THR A 224 17.80 -8.89 10.86
CA THR A 224 16.32 -8.86 10.70
C THR A 224 15.79 -7.84 11.70
N ALA A 225 14.60 -7.29 11.43
CA ALA A 225 13.92 -6.40 12.37
C ALA A 225 13.68 -7.16 13.68
N ARG A 226 13.41 -8.47 13.60
CA ARG A 226 13.15 -9.36 14.76
C ARG A 226 14.36 -9.31 15.68
N GLU A 227 15.55 -9.64 15.17
CA GLU A 227 16.75 -9.82 16.02
C GLU A 227 17.16 -8.46 16.59
N ALA A 228 16.79 -7.34 15.94
CA ALA A 228 17.10 -5.96 16.41
C ALA A 228 15.96 -5.37 17.26
N GLY A 229 14.95 -6.18 17.63
CA GLY A 229 13.92 -5.87 18.65
C GLY A 229 12.57 -5.43 18.08
N LEU A 230 12.37 -5.38 16.75
CA LEU A 230 11.12 -4.87 16.14
C LEU A 230 10.50 -5.93 15.23
N PRO A 231 10.02 -7.06 15.79
CA PRO A 231 9.53 -8.16 14.96
C PRO A 231 8.29 -7.80 14.12
N GLY A 232 7.56 -6.74 14.48
CA GLY A 232 6.41 -6.28 13.69
C GLY A 232 6.82 -5.75 12.33
N PHE A 233 8.10 -5.41 12.13
CA PHE A 233 8.56 -4.77 10.88
C PHE A 233 8.96 -5.87 9.88
N GLN A 234 7.95 -6.47 9.23
CA GLN A 234 8.11 -7.51 8.16
C GLN A 234 7.28 -7.08 6.95
N VAL A 235 7.96 -6.84 5.84
CA VAL A 235 7.33 -6.41 4.56
C VAL A 235 7.94 -7.29 3.47
N GLY A 236 7.13 -8.18 2.91
CA GLY A 236 7.46 -8.96 1.72
C GLY A 236 6.85 -8.26 0.53
N ALA A 237 7.68 -7.59 -0.27
CA ALA A 237 7.25 -6.78 -1.42
C ALA A 237 7.12 -7.69 -2.63
N TRP A 238 5.90 -8.08 -2.96
CA TRP A 238 5.60 -8.82 -4.22
C TRP A 238 5.40 -7.78 -5.31
N THR A 239 5.80 -8.13 -6.52
CA THR A 239 5.51 -7.34 -7.73
C THR A 239 4.74 -8.24 -8.68
N GLY A 240 3.71 -7.69 -9.33
CA GLY A 240 2.80 -8.46 -10.18
C GLY A 240 2.53 -7.80 -11.52
N LEU A 241 2.19 -8.63 -12.50
CA LEU A 241 1.65 -8.22 -13.83
C LEU A 241 0.14 -8.41 -13.80
N PHE A 242 -0.62 -7.35 -14.07
CA PHE A 242 -2.11 -7.32 -14.15
C PHE A 242 -2.56 -6.76 -15.50
N ALA A 243 -3.78 -7.13 -15.90
CA ALA A 243 -4.48 -6.68 -17.13
C ALA A 243 -5.75 -5.97 -16.71
N PRO A 244 -6.38 -5.18 -17.61
CA PRO A 244 -7.66 -4.56 -17.32
C PRO A 244 -8.65 -5.67 -17.00
N ARG A 245 -9.64 -5.40 -16.15
CA ARG A 245 -10.65 -6.41 -15.77
C ARG A 245 -11.37 -6.83 -17.04
N GLY A 246 -11.64 -8.12 -17.22
CA GLY A 246 -12.32 -8.63 -18.41
C GLY A 246 -11.38 -9.03 -19.53
N THR A 247 -10.05 -8.97 -19.33
CA THR A 247 -9.07 -9.47 -20.32
C THR A 247 -9.31 -10.97 -20.43
N PRO A 248 -9.62 -11.48 -21.65
CA PRO A 248 -9.96 -12.88 -21.83
C PRO A 248 -8.92 -13.82 -21.22
N GLU A 249 -9.41 -14.91 -20.60
CA GLU A 249 -8.57 -15.92 -19.89
C GLU A 249 -7.52 -16.52 -20.84
N PRO A 250 -7.81 -16.81 -22.11
CA PRO A 250 -6.76 -17.30 -23.01
C PRO A 250 -5.60 -16.31 -23.23
N ILE A 251 -5.91 -15.03 -23.32
CA ILE A 251 -4.88 -13.95 -23.46
C ILE A 251 -4.10 -13.91 -22.15
N VAL A 252 -4.80 -14.05 -21.03
CA VAL A 252 -4.16 -14.12 -19.69
C VAL A 252 -3.26 -15.36 -19.61
N ALA A 253 -3.72 -16.53 -20.11
CA ALA A 253 -2.94 -17.80 -20.04
C ALA A 253 -1.60 -17.64 -20.79
N LYS A 254 -1.63 -17.01 -21.97
CA LYS A 254 -0.46 -16.85 -22.87
C LYS A 254 0.51 -15.85 -22.24
N LEU A 255 0.01 -14.77 -21.64
CA LEU A 255 0.88 -13.77 -20.98
C LEU A 255 1.55 -14.47 -19.80
N ASN A 256 0.75 -15.22 -19.03
CA ASN A 256 1.22 -15.90 -17.80
C ASN A 256 2.36 -16.87 -18.15
N ALA A 257 2.18 -17.63 -19.21
CA ALA A 257 3.16 -18.63 -19.69
C ALA A 257 4.40 -17.88 -20.17
N ALA A 258 4.23 -16.71 -20.80
CA ALA A 258 5.34 -15.85 -21.28
C ALA A 258 6.16 -15.41 -20.06
N VAL A 259 5.49 -15.04 -18.98
CA VAL A 259 6.20 -14.67 -17.73
C VAL A 259 6.96 -15.90 -17.25
N SER A 260 6.28 -17.07 -17.25
CA SER A 260 6.86 -18.30 -16.68
C SER A 260 8.16 -18.64 -17.41
N ARG A 261 8.13 -18.61 -18.75
CA ARG A 261 9.29 -18.99 -19.60
C ARG A 261 10.40 -17.94 -19.44
N ALA A 262 10.03 -16.66 -19.23
CA ALA A 262 10.97 -15.53 -18.98
C ALA A 262 11.71 -15.75 -17.65
N LEU A 263 10.97 -16.08 -16.60
CA LEU A 263 11.52 -16.39 -15.25
C LEU A 263 12.50 -17.58 -15.33
N ASP A 264 12.33 -18.49 -16.29
CA ASP A 264 13.21 -19.68 -16.50
C ASP A 264 14.51 -19.30 -17.21
N GLN A 265 14.61 -18.13 -17.84
CA GLN A 265 15.85 -17.70 -18.54
C GLN A 265 16.95 -17.48 -17.51
N SER A 266 18.13 -18.03 -17.77
CA SER A 266 19.33 -17.91 -16.91
C SER A 266 19.58 -16.43 -16.57
N ASP A 267 19.47 -15.57 -17.58
CA ASP A 267 19.77 -14.12 -17.49
C ASP A 267 18.88 -13.49 -16.44
N VAL A 268 17.60 -13.87 -16.43
CA VAL A 268 16.56 -13.32 -15.50
C VAL A 268 16.79 -13.87 -14.09
N ARG A 269 17.02 -15.19 -13.92
CA ARG A 269 17.16 -15.80 -12.57
C ARG A 269 18.37 -15.19 -11.87
N THR A 270 19.50 -15.09 -12.57
CA THR A 270 20.78 -14.62 -11.97
C THR A 270 20.67 -13.12 -11.72
N ARG A 271 20.00 -12.33 -12.57
CA ARG A 271 19.87 -10.87 -12.33
C ARG A 271 18.94 -10.66 -11.12
N LEU A 272 17.77 -11.27 -11.12
CA LEU A 272 16.82 -11.17 -9.97
C LEU A 272 17.55 -11.57 -8.68
N THR A 273 18.15 -12.76 -8.63
CA THR A 273 18.67 -13.36 -7.38
C THR A 273 19.95 -12.63 -6.93
N ASP A 274 20.77 -12.11 -7.84
CA ASP A 274 21.98 -11.29 -7.50
C ASP A 274 21.59 -10.00 -6.77
N LEU A 275 20.36 -9.51 -6.97
CA LEU A 275 19.90 -8.24 -6.38
C LEU A 275 18.95 -8.55 -5.21
N GLY A 276 18.85 -9.83 -4.78
CA GLY A 276 18.21 -10.25 -3.52
C GLY A 276 16.71 -10.52 -3.66
N ALA A 277 16.19 -10.53 -4.89
CA ALA A 277 14.79 -10.86 -5.26
C ALA A 277 14.65 -12.37 -5.47
N LEU A 278 13.46 -12.93 -5.19
CA LEU A 278 13.18 -14.37 -5.43
C LEU A 278 12.61 -14.54 -6.84
N VAL A 279 12.94 -15.66 -7.48
CA VAL A 279 12.23 -16.15 -8.71
C VAL A 279 10.99 -16.88 -8.23
N PRO A 280 9.77 -16.47 -8.64
CA PRO A 280 8.58 -17.20 -8.25
C PRO A 280 8.79 -18.68 -8.56
N ARG A 281 8.49 -19.55 -7.60
CA ARG A 281 8.61 -21.03 -7.80
C ARG A 281 7.50 -21.48 -8.74
N PRO A 282 7.61 -22.66 -9.40
CA PRO A 282 6.57 -23.09 -10.33
C PRO A 282 5.15 -23.05 -9.71
N GLU A 283 4.99 -23.48 -8.45
CA GLU A 283 3.64 -23.53 -7.81
C GLU A 283 3.13 -22.11 -7.48
N GLN A 284 3.96 -21.07 -7.65
CA GLN A 284 3.59 -19.65 -7.35
C GLN A 284 3.15 -18.92 -8.63
N ARG A 285 3.09 -19.58 -9.79
CA ARG A 285 3.05 -18.90 -11.10
C ARG A 285 1.62 -18.80 -11.68
N ALA A 286 0.65 -19.56 -11.18
CA ALA A 286 -0.77 -19.43 -11.59
C ALA A 286 -1.26 -17.98 -11.37
N PRO A 287 -2.10 -17.44 -12.28
CA PRO A 287 -2.74 -16.12 -12.04
C PRO A 287 -3.36 -15.91 -10.64
N VAL A 288 -3.91 -16.96 -10.05
CA VAL A 288 -4.69 -16.88 -8.77
C VAL A 288 -3.74 -16.68 -7.59
N VAL A 289 -2.50 -17.20 -7.67
CA VAL A 289 -1.50 -16.96 -6.59
C VAL A 289 -1.41 -15.45 -6.35
N LEU A 290 -1.38 -14.67 -7.44
CA LEU A 290 -1.25 -13.19 -7.36
C LEU A 290 -2.56 -12.58 -6.85
N ALA A 291 -3.70 -13.10 -7.28
CA ALA A 291 -5.05 -12.67 -6.79
C ALA A 291 -5.13 -12.89 -5.27
N GLN A 292 -4.56 -14.01 -4.79
CA GLN A 292 -4.55 -14.40 -3.35
C GLN A 292 -3.62 -13.46 -2.56
N LEU A 293 -2.48 -13.06 -3.16
CA LEU A 293 -1.52 -12.09 -2.56
C LEU A 293 -2.20 -10.72 -2.47
N VAL A 294 -2.94 -10.31 -3.50
CA VAL A 294 -3.67 -9.01 -3.46
C VAL A 294 -4.67 -9.05 -2.30
N GLN A 295 -5.44 -10.12 -2.15
CA GLN A 295 -6.49 -10.23 -1.10
C GLN A 295 -5.82 -10.12 0.28
N GLU A 296 -4.75 -10.90 0.50
CA GLU A 296 -4.00 -10.93 1.79
C GLU A 296 -3.36 -9.58 2.07
N GLU A 297 -2.73 -8.96 1.06
CA GLU A 297 -2.09 -7.63 1.22
C GLU A 297 -3.14 -6.59 1.59
N ILE A 298 -4.29 -6.57 0.91
CA ILE A 298 -5.37 -5.58 1.21
C ILE A 298 -5.73 -5.68 2.70
N SER A 299 -5.97 -6.90 3.22
CA SER A 299 -6.44 -7.17 4.61
C SER A 299 -5.33 -6.82 5.60
N ARG A 300 -4.10 -7.23 5.29
CA ARG A 300 -2.90 -7.01 6.14
C ARG A 300 -2.82 -5.51 6.47
N TRP A 301 -2.91 -4.63 5.46
CA TRP A 301 -2.76 -3.16 5.65
C TRP A 301 -4.02 -2.52 6.23
N GLU A 302 -5.19 -3.16 6.08
CA GLU A 302 -6.42 -2.77 6.83
C GLU A 302 -6.18 -3.01 8.33
N ASP A 303 -5.53 -4.11 8.72
CA ASP A 303 -5.14 -4.44 10.12
C ASP A 303 -4.12 -3.42 10.68
N VAL A 304 -3.06 -3.09 9.91
CA VAL A 304 -2.02 -2.10 10.27
C VAL A 304 -2.66 -0.76 10.63
N VAL A 305 -3.67 -0.31 9.86
CA VAL A 305 -4.41 0.97 10.12
C VAL A 305 -5.23 0.81 11.42
N GLU A 306 -5.70 -0.41 11.71
CA GLU A 306 -6.52 -0.75 12.91
C GLU A 306 -5.64 -1.45 13.96
N PHE B 13 33.26 32.08 -19.58
CA PHE B 13 31.92 31.49 -19.31
C PHE B 13 31.02 31.63 -20.53
N PRO B 14 30.29 30.57 -20.93
CA PRO B 14 30.40 29.26 -20.30
C PRO B 14 31.60 28.50 -20.90
N VAL B 15 32.11 27.49 -20.19
CA VAL B 15 33.31 26.68 -20.58
C VAL B 15 32.89 25.24 -20.84
N ARG B 16 31.60 24.94 -20.67
CA ARG B 16 31.01 23.61 -20.96
C ARG B 16 29.49 23.74 -20.97
N THR B 17 28.79 22.62 -21.13
CA THR B 17 27.31 22.58 -21.24
C THR B 17 26.72 23.23 -19.99
N VAL B 18 25.83 24.18 -20.21
CA VAL B 18 24.98 24.80 -19.15
C VAL B 18 23.75 23.92 -18.99
N THR B 19 23.50 23.40 -17.80
CA THR B 19 22.27 22.63 -17.46
C THR B 19 21.24 23.57 -16.83
N VAL B 20 20.08 23.71 -17.46
CA VAL B 20 18.90 24.45 -16.95
C VAL B 20 17.89 23.42 -16.42
N VAL B 21 17.65 23.38 -15.10
CA VAL B 21 16.79 22.35 -14.44
C VAL B 21 15.34 22.88 -14.42
N VAL B 22 14.41 22.09 -14.96
CA VAL B 22 12.93 22.33 -14.89
C VAL B 22 12.35 21.34 -13.88
N PRO B 23 11.70 21.79 -12.78
CA PRO B 23 11.21 20.90 -11.73
C PRO B 23 9.96 20.04 -12.02
N PHE B 24 9.55 19.96 -13.29
CA PHE B 24 8.23 19.44 -13.71
C PHE B 24 8.36 18.74 -15.07
N ALA B 25 7.42 17.83 -15.35
CA ALA B 25 7.46 16.93 -16.52
C ALA B 25 7.62 17.73 -17.80
N LYS B 26 8.32 17.14 -18.76
CA LYS B 26 8.46 17.70 -20.13
C LYS B 26 7.05 17.94 -20.69
N GLY B 27 6.89 18.93 -21.58
CA GLY B 27 5.62 19.28 -22.25
C GLY B 27 4.77 20.26 -21.44
N GLY B 28 5.08 20.46 -20.16
CA GLY B 28 4.35 21.38 -19.29
C GLY B 28 4.75 22.83 -19.52
N PRO B 29 4.05 23.78 -18.85
CA PRO B 29 4.25 25.21 -19.09
C PRO B 29 5.69 25.69 -18.85
N THR B 30 6.33 25.31 -17.75
CA THR B 30 7.73 25.69 -17.38
C THR B 30 8.72 25.09 -18.39
N ASP B 31 8.57 23.80 -18.67
CA ASP B 31 9.36 23.10 -19.71
C ASP B 31 9.25 23.87 -21.03
N THR B 32 8.02 24.22 -21.43
CA THR B 32 7.73 24.86 -22.74
C THR B 32 8.42 26.21 -22.79
N VAL B 33 8.31 26.98 -21.73
CA VAL B 33 8.96 28.32 -21.64
C VAL B 33 10.49 28.13 -21.66
N ALA B 34 11.00 27.16 -20.90
CA ALA B 34 12.45 26.91 -20.74
C ALA B 34 13.07 26.51 -22.07
N ARG B 35 12.45 25.57 -22.77
CA ARG B 35 12.98 25.04 -24.07
C ARG B 35 12.96 26.16 -25.12
N LEU B 36 11.90 26.94 -25.15
CA LEU B 36 11.75 28.04 -26.13
C LEU B 36 12.94 28.99 -25.98
N ILE B 37 13.25 29.42 -24.76
CA ILE B 37 14.17 30.55 -24.48
C ILE B 37 15.63 30.07 -24.52
N THR B 38 15.91 28.93 -23.90
CA THR B 38 17.25 28.31 -23.86
C THR B 38 17.67 27.93 -25.28
N ALA B 39 16.76 27.54 -26.16
CA ALA B 39 17.10 27.17 -27.56
C ALA B 39 17.69 28.40 -28.27
N GLU B 40 17.14 29.59 -28.01
CA GLU B 40 17.73 30.86 -28.54
C GLU B 40 19.04 31.19 -27.83
N MET B 41 19.08 31.12 -26.51
CA MET B 41 20.23 31.48 -25.64
C MET B 41 21.47 30.71 -26.09
N ALA B 42 21.34 29.41 -26.29
CA ALA B 42 22.43 28.48 -26.66
C ALA B 42 23.21 29.07 -27.84
N LYS B 43 22.54 29.72 -28.80
CA LYS B 43 23.16 30.30 -30.01
C LYS B 43 24.09 31.47 -29.65
N THR B 44 23.68 32.31 -28.69
CA THR B 44 24.44 33.50 -28.20
C THR B 44 25.56 33.08 -27.23
N LEU B 45 25.32 32.05 -26.41
CA LEU B 45 26.24 31.63 -25.32
C LEU B 45 27.46 30.92 -25.92
N GLY B 46 27.29 30.17 -27.02
CA GLY B 46 28.40 29.43 -27.67
C GLY B 46 28.79 28.18 -26.91
N GLN B 47 27.95 27.74 -25.96
CA GLN B 47 27.88 26.35 -25.46
C GLN B 47 26.43 25.89 -25.54
N PRO B 48 26.17 24.57 -25.64
CA PRO B 48 24.83 24.04 -25.53
C PRO B 48 24.22 24.24 -24.15
N ILE B 49 22.90 24.20 -24.10
CA ILE B 49 22.06 24.16 -22.87
C ILE B 49 21.27 22.85 -22.90
N GLU B 50 21.49 21.97 -21.92
CA GLU B 50 20.71 20.74 -21.68
C GLU B 50 19.58 21.11 -20.72
N ILE B 51 18.36 20.67 -20.99
CA ILE B 51 17.24 20.76 -20.01
C ILE B 51 17.25 19.48 -19.16
N GLU B 52 17.14 19.61 -17.85
CA GLU B 52 16.95 18.45 -16.95
C GLU B 52 15.58 18.61 -16.28
N ASN B 53 14.62 17.78 -16.67
CA ASN B 53 13.32 17.68 -15.99
C ASN B 53 13.58 16.85 -14.74
N MET B 54 13.69 17.50 -13.59
CA MET B 54 14.05 16.85 -12.30
C MET B 54 12.81 16.87 -11.41
N LEU B 55 12.16 15.73 -11.29
CA LEU B 55 10.84 15.57 -10.64
C LEU B 55 11.05 15.26 -9.17
N GLY B 56 10.10 15.68 -8.32
CA GLY B 56 10.04 15.18 -6.94
C GLY B 56 9.83 16.29 -5.95
N ALA B 57 9.41 15.94 -4.72
CA ALA B 57 9.14 16.86 -3.60
C ALA B 57 8.18 17.98 -4.03
N GLY B 58 7.22 17.67 -4.91
CA GLY B 58 6.18 18.60 -5.38
C GLY B 58 6.76 19.81 -6.09
N GLY B 59 7.88 19.61 -6.79
CA GLY B 59 8.56 20.63 -7.60
C GLY B 59 9.72 21.29 -6.86
N THR B 60 10.02 20.88 -5.62
CA THR B 60 10.98 21.59 -4.73
C THR B 60 12.31 20.84 -4.66
N LEU B 61 12.40 19.59 -5.15
CA LEU B 61 13.66 18.82 -5.15
C LEU B 61 14.67 19.45 -6.13
N ALA B 62 14.20 19.90 -7.30
CA ALA B 62 15.02 20.58 -8.33
C ALA B 62 15.64 21.84 -7.74
N ALA B 63 14.86 22.69 -7.10
CA ALA B 63 15.37 23.93 -6.47
C ALA B 63 16.34 23.55 -5.34
N THR B 64 16.04 22.50 -4.58
CA THR B 64 16.88 22.01 -3.49
C THR B 64 18.23 21.56 -4.04
N ARG B 65 18.26 20.83 -5.17
CA ARG B 65 19.54 20.32 -5.75
C ARG B 65 20.34 21.47 -6.35
N VAL B 66 19.68 22.44 -7.00
CA VAL B 66 20.39 23.57 -7.67
C VAL B 66 20.89 24.58 -6.63
N ALA B 67 20.18 24.77 -5.51
CA ALA B 67 20.64 25.59 -4.35
C ALA B 67 21.98 25.04 -3.85
N HIS B 68 22.20 23.72 -3.96
CA HIS B 68 23.43 23.02 -3.51
C HIS B 68 24.41 22.77 -4.66
N ALA B 69 24.21 23.37 -5.84
CA ALA B 69 25.08 23.20 -7.02
C ALA B 69 26.24 24.20 -6.98
N ALA B 70 27.33 23.86 -7.64
CA ALA B 70 28.47 24.76 -7.90
C ALA B 70 27.94 26.10 -8.40
N PRO B 71 28.29 27.24 -7.76
CA PRO B 71 27.84 28.56 -8.20
C PRO B 71 28.73 29.07 -9.33
N ASP B 72 28.88 28.29 -10.40
CA ASP B 72 29.78 28.58 -11.54
C ASP B 72 28.95 29.01 -12.75
N GLY B 73 27.63 29.08 -12.60
CA GLY B 73 26.69 29.50 -13.65
C GLY B 73 26.36 28.41 -14.64
N HIS B 74 26.81 27.17 -14.41
CA HIS B 74 26.62 26.01 -15.33
C HIS B 74 25.42 25.16 -14.92
N THR B 75 24.97 25.24 -13.66
CA THR B 75 23.70 24.65 -13.20
C THR B 75 22.74 25.79 -12.82
N LEU B 76 21.66 25.93 -13.59
CA LEU B 76 20.61 26.94 -13.34
C LEU B 76 19.29 26.22 -13.09
N ILE B 77 18.32 26.95 -12.56
CA ILE B 77 16.97 26.42 -12.26
C ILE B 77 15.94 27.44 -12.74
N VAL B 78 14.89 26.93 -13.39
CA VAL B 78 13.67 27.71 -13.72
C VAL B 78 12.74 27.57 -12.52
N GLY B 79 12.43 28.69 -11.89
CA GLY B 79 11.54 28.75 -10.72
C GLY B 79 10.40 29.72 -11.02
N HIS B 80 9.27 29.54 -10.33
CA HIS B 80 8.03 30.34 -10.55
C HIS B 80 7.39 30.65 -9.19
N LEU B 81 6.20 31.24 -9.25
CA LEU B 81 5.39 31.69 -8.11
C LEU B 81 5.34 30.56 -7.10
N GLY B 82 5.25 29.32 -7.60
CA GLY B 82 5.25 28.10 -6.77
C GLY B 82 6.58 27.88 -6.05
N THR B 83 7.62 27.50 -6.80
CA THR B 83 8.88 26.95 -6.26
C THR B 83 9.68 28.05 -5.54
N HIS B 84 9.55 29.30 -5.99
CA HIS B 84 10.36 30.44 -5.50
C HIS B 84 9.44 31.49 -4.86
N GLY B 85 8.28 31.07 -4.37
CA GLY B 85 7.31 31.98 -3.73
C GLY B 85 6.46 31.24 -2.71
N ALA B 86 5.43 30.56 -3.21
CA ALA B 86 4.34 29.96 -2.41
C ALA B 86 4.87 28.79 -1.59
N ALA B 87 5.80 28.01 -2.13
CA ALA B 87 6.43 26.85 -1.46
C ALA B 87 6.85 27.25 -0.04
N VAL B 88 7.30 28.48 0.16
CA VAL B 88 7.79 28.96 1.49
C VAL B 88 6.65 28.83 2.49
N ALA B 89 5.44 29.26 2.14
CA ALA B 89 4.24 29.14 3.01
C ALA B 89 3.66 27.73 2.92
N LEU B 90 3.47 27.20 1.71
CA LEU B 90 2.63 26.00 1.48
C LEU B 90 3.42 24.71 1.73
N PHE B 91 4.69 24.79 2.10
CA PHE B 91 5.57 23.60 2.21
C PHE B 91 6.22 23.59 3.59
N PRO B 92 6.10 22.47 4.34
CA PRO B 92 6.72 22.36 5.66
C PRO B 92 8.25 22.36 5.55
N LYS B 93 8.90 23.36 6.16
CA LYS B 93 10.38 23.47 6.33
C LYS B 93 11.10 23.14 5.00
N LEU B 94 10.61 23.71 3.90
CA LEU B 94 11.32 23.90 2.60
C LEU B 94 12.83 24.01 2.85
N ALA B 95 13.64 23.22 2.14
CA ALA B 95 15.10 23.10 2.38
C ALA B 95 15.85 24.36 1.91
N TYR B 96 15.19 25.26 1.19
CA TYR B 96 15.86 26.47 0.64
C TYR B 96 15.02 27.73 0.91
N ARG B 97 15.71 28.85 0.87
CA ARG B 97 15.14 30.22 0.89
C ARG B 97 15.18 30.75 -0.54
N PRO B 98 14.00 30.94 -1.18
CA PRO B 98 13.92 31.45 -2.55
C PRO B 98 14.59 32.79 -2.82
N ASP B 99 14.62 33.70 -1.85
CA ASP B 99 15.36 34.98 -1.97
C ASP B 99 16.87 34.73 -1.80
N LYS B 100 17.30 33.87 -0.89
CA LYS B 100 18.68 33.94 -0.34
C LYS B 100 19.55 32.76 -0.75
N ASP B 101 19.00 31.62 -1.15
CA ASP B 101 19.82 30.49 -1.66
C ASP B 101 19.85 30.50 -3.18
N PHE B 102 19.34 31.55 -3.85
CA PHE B 102 19.40 31.67 -5.32
C PHE B 102 19.81 33.09 -5.70
N THR B 103 20.65 33.21 -6.73
CA THR B 103 20.94 34.48 -7.42
C THR B 103 19.96 34.54 -8.58
N PRO B 104 19.02 35.51 -8.59
CA PRO B 104 18.12 35.67 -9.71
C PRO B 104 18.93 36.14 -10.92
N VAL B 105 18.62 35.59 -12.10
CA VAL B 105 19.26 35.97 -13.41
C VAL B 105 18.29 36.87 -14.17
N ALA B 106 17.10 36.36 -14.49
CA ALA B 106 16.12 37.05 -15.37
C ALA B 106 14.71 36.48 -15.23
N LEU B 107 13.73 37.37 -15.17
CA LEU B 107 12.32 37.03 -15.43
C LEU B 107 12.23 36.54 -16.88
N LEU B 108 11.59 35.41 -17.11
CA LEU B 108 11.44 34.80 -18.46
C LEU B 108 10.07 35.17 -19.03
N THR B 109 9.05 35.08 -18.21
CA THR B 109 7.67 35.48 -18.61
C THR B 109 6.80 35.58 -17.37
N GLU B 110 5.61 36.11 -17.59
CA GLU B 110 4.52 36.28 -16.62
C GLU B 110 3.26 35.83 -17.37
N MET B 111 2.34 35.16 -16.70
CA MET B 111 1.09 34.74 -17.36
C MET B 111 0.03 34.46 -16.31
N PRO B 112 -1.25 34.71 -16.64
CA PRO B 112 -2.33 34.39 -15.71
C PRO B 112 -2.59 32.88 -15.62
N VAL B 113 -3.27 32.52 -14.56
CA VAL B 113 -3.75 31.14 -14.27
C VAL B 113 -5.23 31.08 -14.65
N LEU B 114 -5.65 29.98 -15.29
CA LEU B 114 -7.07 29.69 -15.59
C LEU B 114 -7.56 28.56 -14.67
N LEU B 115 -8.79 28.68 -14.16
CA LEU B 115 -9.58 27.53 -13.66
C LEU B 115 -10.10 26.72 -14.86
N LEU B 116 -9.67 25.47 -14.98
CA LEU B 116 -10.09 24.53 -16.04
C LEU B 116 -10.87 23.37 -15.41
N ALA B 117 -11.77 22.77 -16.17
CA ALA B 117 -12.50 21.55 -15.81
C ALA B 117 -12.56 20.60 -17.00
N ARG B 118 -12.83 19.32 -16.71
CA ARG B 118 -13.17 18.33 -17.74
C ARG B 118 -14.41 18.84 -18.47
N LYS B 119 -14.47 18.59 -19.77
CA LYS B 119 -15.50 19.10 -20.71
C LYS B 119 -16.89 19.02 -20.08
N GLN B 120 -17.23 17.86 -19.53
CA GLN B 120 -18.62 17.52 -19.11
C GLN B 120 -18.83 17.86 -17.64
N PHE B 121 -18.02 18.75 -17.06
CA PHE B 121 -18.20 19.20 -15.67
C PHE B 121 -19.50 19.99 -15.63
N PRO B 122 -20.54 19.54 -14.87
CA PRO B 122 -21.88 20.14 -14.93
C PRO B 122 -21.99 21.66 -14.79
N PRO B 123 -21.33 22.32 -13.82
CA PRO B 123 -21.54 23.76 -13.62
C PRO B 123 -21.32 24.58 -14.90
N LYS B 124 -22.16 25.57 -15.18
CA LYS B 124 -22.11 26.28 -16.48
C LYS B 124 -21.36 27.60 -16.28
N ASP B 125 -21.16 28.02 -15.03
CA ASP B 125 -20.48 29.28 -14.63
C ASP B 125 -19.93 29.09 -13.22
N LEU B 126 -19.29 30.12 -12.65
CA LEU B 126 -18.52 30.03 -11.38
C LEU B 126 -19.46 29.85 -10.18
N SER B 127 -20.62 30.51 -10.23
CA SER B 127 -21.64 30.49 -9.16
C SER B 127 -22.20 29.07 -9.01
N GLU B 128 -22.47 28.37 -10.12
CA GLU B 128 -22.91 26.95 -10.10
C GLU B 128 -21.73 26.09 -9.66
N PHE B 129 -20.52 26.44 -10.11
CA PHE B 129 -19.27 25.73 -9.78
C PHE B 129 -19.12 25.65 -8.25
N ALA B 130 -19.21 26.80 -7.59
CA ALA B 130 -19.01 26.94 -6.12
C ALA B 130 -20.02 26.05 -5.41
N SER B 131 -21.28 26.13 -5.87
CA SER B 131 -22.43 25.36 -5.34
C SER B 131 -22.24 23.86 -5.63
N TYR B 132 -21.91 23.52 -6.87
CA TYR B 132 -21.70 22.11 -7.28
C TYR B 132 -20.60 21.49 -6.42
N VAL B 133 -19.47 22.19 -6.29
CA VAL B 133 -18.23 21.65 -5.68
C VAL B 133 -18.49 21.38 -4.18
N GLU B 134 -19.28 22.23 -3.52
CA GLU B 134 -19.74 22.04 -2.12
C GLU B 134 -20.51 20.72 -1.99
N SER B 135 -21.43 20.44 -2.91
CA SER B 135 -22.37 19.28 -2.91
C SER B 135 -21.68 17.95 -3.16
N HIS B 136 -20.65 17.93 -4.00
CA HIS B 136 -20.02 16.69 -4.51
C HIS B 136 -18.61 16.54 -3.94
N THR B 137 -18.28 17.32 -2.91
CA THR B 137 -16.88 17.54 -2.46
C THR B 137 -16.19 16.19 -2.24
N ASP B 138 -16.90 15.20 -1.70
CA ASP B 138 -16.37 13.85 -1.38
C ASP B 138 -15.95 13.11 -2.66
N ASN B 139 -16.51 13.43 -3.83
CA ASN B 139 -16.26 12.66 -5.08
C ASN B 139 -15.41 13.48 -6.06
N LEU B 140 -14.91 14.64 -5.66
CA LEU B 140 -14.21 15.57 -6.58
C LEU B 140 -12.71 15.33 -6.53
N ASN B 141 -12.04 15.38 -7.68
CA ASN B 141 -10.56 15.25 -7.76
C ASN B 141 -10.01 16.54 -8.37
N VAL B 142 -9.22 17.29 -7.61
CA VAL B 142 -8.51 18.48 -8.15
C VAL B 142 -7.07 18.07 -8.49
N ALA B 143 -6.60 18.45 -9.67
CA ALA B 143 -5.25 18.10 -10.20
C ALA B 143 -4.27 19.22 -9.83
N HIS B 144 -3.07 18.84 -9.37
CA HIS B 144 -1.97 19.79 -9.12
C HIS B 144 -0.65 19.05 -9.30
N ALA B 145 0.48 19.77 -9.27
CA ALA B 145 1.85 19.24 -9.48
C ALA B 145 2.64 19.33 -8.18
N GLY B 146 1.97 19.10 -7.05
CA GLY B 146 2.58 19.08 -5.71
C GLY B 146 2.64 20.47 -5.11
N PHE B 147 3.15 20.56 -3.88
CA PHE B 147 2.96 21.73 -2.98
C PHE B 147 3.82 22.91 -3.43
N GLY B 148 4.77 22.69 -4.34
CA GLY B 148 5.61 23.77 -4.90
C GLY B 148 5.11 24.24 -6.26
N SER B 149 3.95 23.77 -6.67
CA SER B 149 3.37 24.05 -8.03
C SER B 149 2.46 25.28 -7.97
N VAL B 150 2.42 26.01 -9.07
CA VAL B 150 1.47 27.14 -9.30
C VAL B 150 0.07 26.56 -9.19
N SER B 151 -0.12 25.37 -9.76
CA SER B 151 -1.43 24.71 -9.91
C SER B 151 -1.95 24.41 -8.49
N TYR B 152 -1.09 23.94 -7.59
CA TYR B 152 -1.48 23.67 -6.18
C TYR B 152 -1.75 24.98 -5.43
N ALA B 153 -0.91 26.00 -5.53
CA ALA B 153 -1.09 27.25 -4.77
C ALA B 153 -2.40 27.90 -5.22
N SER B 154 -2.63 27.94 -6.54
CA SER B 154 -3.85 28.50 -7.14
C SER B 154 -5.08 27.72 -6.68
N CYS B 155 -5.06 26.37 -6.78
CA CYS B 155 -6.19 25.48 -6.40
C CYS B 155 -6.47 25.67 -4.90
N LEU B 156 -5.43 25.92 -4.10
CA LEU B 156 -5.57 26.14 -2.64
C LEU B 156 -6.24 27.51 -2.39
N LEU B 157 -5.82 28.56 -3.10
CA LEU B 157 -6.42 29.91 -2.97
C LEU B 157 -7.89 29.85 -3.39
N LEU B 158 -8.20 29.25 -4.54
CA LEU B 158 -9.59 29.13 -5.01
C LEU B 158 -10.43 28.35 -3.99
N ASN B 159 -9.94 27.19 -3.56
CA ASN B 159 -10.67 26.29 -2.64
C ASN B 159 -10.93 27.00 -1.30
N ARG B 160 -9.98 27.77 -0.78
CA ARG B 160 -10.15 28.62 0.44
C ARG B 160 -11.23 29.69 0.24
N LEU B 161 -11.23 30.41 -0.88
CA LEU B 161 -12.24 31.48 -1.15
C LEU B 161 -13.63 30.85 -1.26
N LEU B 162 -13.74 29.65 -1.82
CA LEU B 162 -15.02 28.89 -1.98
C LEU B 162 -15.37 28.11 -0.71
N LYS B 163 -14.40 27.90 0.19
CA LYS B 163 -14.56 27.21 1.51
C LYS B 163 -14.87 25.73 1.26
N VAL B 164 -14.08 25.09 0.41
CA VAL B 164 -14.22 23.65 0.07
C VAL B 164 -12.83 23.02 0.11
N ASP B 165 -12.78 21.71 0.27
CA ASP B 165 -11.55 20.94 0.52
C ASP B 165 -11.64 19.61 -0.24
N PRO B 166 -11.70 19.62 -1.59
CA PRO B 166 -11.75 18.39 -2.37
C PRO B 166 -10.40 17.67 -2.31
N THR B 167 -10.38 16.38 -2.62
CA THR B 167 -9.16 15.55 -2.76
C THR B 167 -8.28 16.20 -3.82
N GLY B 168 -7.02 16.48 -3.48
CA GLY B 168 -5.96 16.87 -4.43
C GLY B 168 -5.31 15.63 -5.01
N VAL B 169 -5.09 15.56 -6.32
CA VAL B 169 -4.35 14.45 -6.99
C VAL B 169 -3.07 15.04 -7.56
N PRO B 170 -1.89 14.70 -6.97
CA PRO B 170 -0.60 15.25 -7.41
C PRO B 170 -0.07 14.56 -8.66
N PHE B 171 0.45 15.36 -9.58
CA PHE B 171 1.10 14.92 -10.83
C PHE B 171 2.54 15.42 -10.84
N SER B 172 3.31 14.96 -11.81
CA SER B 172 4.73 15.38 -12.00
C SER B 172 4.78 16.72 -12.73
N GLY B 173 3.61 17.32 -13.01
CA GLY B 173 3.47 18.53 -13.84
C GLY B 173 2.05 18.70 -14.35
N THR B 174 1.73 19.87 -14.91
CA THR B 174 0.39 20.13 -15.48
C THR B 174 0.32 19.64 -16.92
N GLY B 175 1.45 19.27 -17.53
CA GLY B 175 1.48 18.48 -18.79
C GLY B 175 0.64 17.22 -18.63
N PRO B 176 1.07 16.28 -17.74
CA PRO B 176 0.24 15.14 -17.38
C PRO B 176 -1.08 15.45 -16.66
N ALA B 177 -1.10 16.42 -15.74
CA ALA B 177 -2.35 16.81 -15.05
C ALA B 177 -3.41 17.20 -16.08
N LEU B 178 -3.04 17.99 -17.09
CA LEU B 178 -3.98 18.52 -18.11
C LEU B 178 -4.48 17.35 -18.95
N GLN B 179 -3.62 16.42 -19.32
CA GLN B 179 -4.01 15.19 -20.06
C GLN B 179 -5.05 14.40 -19.24
N ALA B 180 -4.86 14.29 -17.92
CA ALA B 180 -5.80 13.64 -16.98
C ALA B 180 -7.14 14.39 -17.02
N LEU B 181 -7.08 15.71 -17.11
CA LEU B 181 -8.32 16.54 -17.17
C LEU B 181 -9.02 16.29 -18.51
N VAL B 182 -8.25 16.17 -19.59
CA VAL B 182 -8.75 15.87 -20.96
C VAL B 182 -9.48 14.54 -20.94
N GLU B 183 -8.94 13.56 -20.21
CA GLU B 183 -9.45 12.16 -20.17
C GLU B 183 -10.60 12.06 -19.17
N GLY B 184 -10.90 13.13 -18.43
CA GLY B 184 -12.01 13.13 -17.45
C GLY B 184 -11.63 12.46 -16.15
N GLN B 185 -10.35 12.11 -15.98
CA GLN B 185 -9.86 11.35 -14.79
C GLN B 185 -9.82 12.25 -13.54
N VAL B 186 -9.78 13.58 -13.72
CA VAL B 186 -9.82 14.59 -12.62
C VAL B 186 -10.86 15.63 -12.99
N ASP B 187 -11.37 16.41 -12.05
CA ASP B 187 -12.57 17.25 -12.28
C ASP B 187 -12.12 18.65 -12.71
N TYR B 188 -11.21 19.26 -11.97
CA TYR B 188 -10.79 20.66 -12.21
C TYR B 188 -9.34 20.86 -11.72
N MET B 189 -8.79 22.00 -12.13
CA MET B 189 -7.35 22.31 -12.12
C MET B 189 -7.16 23.81 -12.41
N CYS B 190 -6.34 24.50 -11.63
CA CYS B 190 -5.85 25.85 -12.01
C CYS B 190 -4.55 25.63 -12.77
N ASP B 191 -4.34 26.33 -13.89
CA ASP B 191 -3.17 26.06 -14.76
C ASP B 191 -2.74 27.36 -15.43
N GLN B 192 -1.44 27.46 -15.69
CA GLN B 192 -0.80 28.55 -16.42
C GLN B 192 -1.32 28.52 -17.85
N ILE B 193 -1.56 29.71 -18.40
CA ILE B 193 -2.35 29.87 -19.66
C ILE B 193 -1.62 29.17 -20.81
N VAL B 194 -0.29 29.10 -20.81
CA VAL B 194 0.45 28.55 -21.98
C VAL B 194 0.14 27.06 -22.12
N ASN B 195 -0.17 26.37 -21.03
CA ASN B 195 -0.48 24.92 -21.04
C ASN B 195 -1.95 24.73 -21.44
N ALA B 196 -2.81 25.65 -20.99
CA ALA B 196 -4.27 25.59 -21.20
C ALA B 196 -4.61 25.79 -22.69
N VAL B 197 -4.03 26.80 -23.33
CA VAL B 197 -4.55 27.39 -24.60
C VAL B 197 -4.72 26.30 -25.64
N PRO B 198 -3.71 25.44 -25.94
CA PRO B 198 -3.86 24.44 -27.00
C PRO B 198 -5.06 23.50 -26.76
N ALA B 199 -5.15 22.93 -25.55
CA ALA B 199 -6.28 22.13 -25.04
C ALA B 199 -7.59 22.89 -25.26
N LEU B 200 -7.62 24.19 -24.93
CA LEU B 200 -8.85 25.02 -25.03
C LEU B 200 -9.22 25.22 -26.50
N ARG B 201 -8.23 25.48 -27.35
CA ARG B 201 -8.42 25.68 -28.81
C ARG B 201 -8.99 24.39 -29.43
N GLU B 202 -8.68 23.22 -28.87
CA GLU B 202 -9.11 21.91 -29.43
C GLU B 202 -10.41 21.43 -28.76
N GLY B 203 -11.01 22.23 -27.87
CA GLY B 203 -12.26 21.89 -27.17
C GLY B 203 -12.03 20.75 -26.20
N LYS B 204 -10.78 20.53 -25.76
CA LYS B 204 -10.39 19.28 -25.04
C LYS B 204 -10.71 19.42 -23.56
N VAL B 205 -10.88 20.66 -23.08
CA VAL B 205 -11.29 21.00 -21.69
C VAL B 205 -11.98 22.36 -21.76
N LYS B 206 -12.42 22.89 -20.63
CA LYS B 206 -13.03 24.24 -20.62
C LYS B 206 -12.45 25.03 -19.46
N ALA B 207 -12.75 26.32 -19.50
CA ALA B 207 -12.25 27.39 -18.64
C ALA B 207 -13.48 28.07 -18.05
N TYR B 208 -13.49 28.30 -16.73
CA TYR B 208 -14.56 29.02 -16.03
C TYR B 208 -14.16 30.49 -15.93
N VAL B 209 -12.95 30.74 -15.44
CA VAL B 209 -12.46 32.13 -15.16
C VAL B 209 -10.94 32.18 -15.30
N ILE B 210 -10.44 33.41 -15.48
CA ILE B 210 -9.00 33.77 -15.46
C ILE B 210 -8.78 34.54 -14.17
N ALA B 211 -7.70 34.23 -13.45
CA ALA B 211 -7.42 34.78 -12.11
C ALA B 211 -6.55 36.02 -12.32
N ALA B 212 -7.14 37.01 -12.96
CA ALA B 212 -6.47 38.23 -13.44
C ALA B 212 -7.45 39.40 -13.39
N SER B 213 -6.93 40.62 -13.47
CA SER B 213 -7.69 41.90 -13.44
C SER B 213 -8.43 42.11 -14.75
N GLU B 214 -7.74 41.90 -15.86
CA GLU B 214 -8.31 42.02 -17.22
C GLU B 214 -8.41 40.61 -17.82
N ARG B 215 -9.23 40.48 -18.86
CA ARG B 215 -9.24 39.26 -19.72
C ARG B 215 -7.96 39.24 -20.54
N ASP B 216 -7.41 38.05 -20.77
CA ASP B 216 -6.23 37.88 -21.66
C ASP B 216 -6.77 37.78 -23.09
N PRO B 217 -6.32 38.66 -24.02
CA PRO B 217 -6.78 38.62 -25.40
C PRO B 217 -6.67 37.26 -26.11
N VAL B 218 -5.92 36.28 -25.60
CA VAL B 218 -5.82 34.95 -26.28
C VAL B 218 -7.03 34.09 -25.87
N VAL B 219 -7.68 34.37 -24.73
CA VAL B 219 -8.94 33.73 -24.28
C VAL B 219 -9.93 34.85 -23.94
N PRO B 220 -10.36 35.65 -24.96
CA PRO B 220 -11.13 36.87 -24.72
C PRO B 220 -12.50 36.63 -24.07
N ASP B 221 -13.08 35.45 -24.29
CA ASP B 221 -14.46 35.09 -23.83
C ASP B 221 -14.38 34.39 -22.46
N VAL B 222 -13.22 34.36 -21.79
CA VAL B 222 -13.11 33.80 -20.41
C VAL B 222 -13.19 34.94 -19.41
N PRO B 223 -14.25 35.01 -18.59
CA PRO B 223 -14.42 36.12 -17.65
C PRO B 223 -13.29 36.12 -16.62
N THR B 224 -12.95 37.30 -16.11
CA THR B 224 -12.08 37.48 -14.91
C THR B 224 -12.82 36.95 -13.69
N ALA B 225 -12.09 36.43 -12.70
CA ALA B 225 -12.67 36.00 -11.43
C ALA B 225 -13.46 37.16 -10.83
N ARG B 226 -12.99 38.39 -11.03
CA ARG B 226 -13.66 39.63 -10.55
C ARG B 226 -15.07 39.72 -11.15
N GLU B 227 -15.23 39.58 -12.47
CA GLU B 227 -16.56 39.78 -13.12
C GLU B 227 -17.46 38.57 -12.82
N ALA B 228 -16.89 37.44 -12.40
CA ALA B 228 -17.61 36.18 -12.05
C ALA B 228 -17.97 36.17 -10.55
N GLY B 229 -17.52 37.17 -9.78
CA GLY B 229 -17.90 37.35 -8.37
C GLY B 229 -16.90 36.80 -7.35
N LEU B 230 -15.67 36.47 -7.75
CA LEU B 230 -14.61 36.02 -6.80
C LEU B 230 -13.35 36.86 -6.99
N PRO B 231 -13.34 38.15 -6.57
CA PRO B 231 -12.21 39.04 -6.84
C PRO B 231 -10.87 38.59 -6.19
N GLY B 232 -10.92 37.85 -5.09
CA GLY B 232 -9.71 37.37 -4.38
C GLY B 232 -8.91 36.35 -5.19
N PHE B 233 -9.47 35.79 -6.27
CA PHE B 233 -8.79 34.75 -7.08
C PHE B 233 -7.95 35.43 -8.17
N GLN B 234 -6.75 35.89 -7.80
CA GLN B 234 -5.81 36.57 -8.73
C GLN B 234 -4.42 35.96 -8.64
N VAL B 235 -3.94 35.35 -9.72
CA VAL B 235 -2.63 34.64 -9.72
C VAL B 235 -1.91 35.00 -11.03
N GLY B 236 -0.93 35.90 -10.93
CA GLY B 236 0.06 36.20 -11.98
C GLY B 236 1.24 35.28 -11.81
N ALA B 237 1.31 34.18 -12.56
CA ALA B 237 2.40 33.19 -12.50
C ALA B 237 3.57 33.72 -13.31
N TRP B 238 4.54 34.28 -12.60
CA TRP B 238 5.88 34.61 -13.15
C TRP B 238 6.76 33.36 -13.14
N THR B 239 7.67 33.28 -14.10
CA THR B 239 8.71 32.24 -14.19
C THR B 239 10.02 32.98 -14.44
N GLY B 240 11.08 32.58 -13.71
CA GLY B 240 12.38 33.23 -13.79
C GLY B 240 13.50 32.22 -13.89
N LEU B 241 14.66 32.66 -14.38
CA LEU B 241 15.90 31.85 -14.34
C LEU B 241 16.71 32.26 -13.12
N PHE B 242 17.13 31.27 -12.34
CA PHE B 242 17.93 31.47 -11.10
C PHE B 242 19.23 30.69 -11.23
N ALA B 243 20.29 31.23 -10.63
CA ALA B 243 21.58 30.53 -10.40
C ALA B 243 21.69 30.27 -8.90
N PRO B 244 22.58 29.35 -8.49
CA PRO B 244 22.89 29.19 -7.07
C PRO B 244 23.43 30.51 -6.50
N ARG B 245 23.26 30.70 -5.19
CA ARG B 245 23.78 31.86 -4.44
C ARG B 245 25.30 31.89 -4.56
N GLY B 246 25.85 33.07 -4.90
CA GLY B 246 27.28 33.31 -5.01
C GLY B 246 27.80 33.08 -6.41
N THR B 247 26.90 32.81 -7.36
CA THR B 247 27.27 32.80 -8.80
C THR B 247 27.79 34.19 -9.15
N PRO B 248 29.06 34.31 -9.58
CA PRO B 248 29.65 35.62 -9.82
C PRO B 248 28.78 36.54 -10.67
N GLU B 249 28.74 37.82 -10.29
CA GLU B 249 28.04 38.92 -11.00
C GLU B 249 28.35 38.91 -12.49
N PRO B 250 29.59 38.75 -12.99
CA PRO B 250 29.82 38.77 -14.44
C PRO B 250 29.15 37.60 -15.17
N ILE B 251 29.01 36.46 -14.52
CA ILE B 251 28.30 35.27 -15.07
C ILE B 251 26.79 35.57 -15.13
N VAL B 252 26.21 36.15 -14.08
CA VAL B 252 24.76 36.53 -14.10
C VAL B 252 24.52 37.53 -15.23
N ALA B 253 25.40 38.53 -15.38
CA ALA B 253 25.34 39.56 -16.44
C ALA B 253 25.22 38.87 -17.80
N LYS B 254 26.11 37.91 -18.08
CA LYS B 254 26.21 37.19 -19.37
C LYS B 254 24.96 36.31 -19.54
N LEU B 255 24.55 35.59 -18.50
CA LEU B 255 23.29 34.80 -18.56
C LEU B 255 22.11 35.74 -18.82
N ASN B 256 22.05 36.87 -18.11
CA ASN B 256 20.96 37.87 -18.28
C ASN B 256 20.98 38.41 -19.72
N ALA B 257 22.16 38.73 -20.26
CA ALA B 257 22.37 39.26 -21.62
C ALA B 257 21.86 38.25 -22.66
N ALA B 258 22.12 36.96 -22.46
CA ALA B 258 21.62 35.87 -23.34
C ALA B 258 20.10 35.70 -23.19
N VAL B 259 19.53 35.84 -21.99
CA VAL B 259 18.06 35.76 -21.85
C VAL B 259 17.42 36.91 -22.62
N SER B 260 17.90 38.12 -22.37
CA SER B 260 17.38 39.34 -23.04
C SER B 260 17.46 39.19 -24.56
N ARG B 261 18.59 38.72 -25.11
CA ARG B 261 18.77 38.57 -26.58
C ARG B 261 17.74 37.55 -27.09
N ALA B 262 17.47 36.46 -26.36
CA ALA B 262 16.41 35.48 -26.71
C ALA B 262 15.02 36.15 -26.74
N LEU B 263 14.71 36.99 -25.75
CA LEU B 263 13.37 37.61 -25.62
C LEU B 263 13.19 38.70 -26.69
N ASP B 264 14.25 39.06 -27.43
CA ASP B 264 14.24 40.04 -28.55
C ASP B 264 14.01 39.33 -29.89
N GLN B 265 14.07 38.00 -29.93
CA GLN B 265 13.83 37.20 -31.16
C GLN B 265 12.31 37.09 -31.38
N SER B 266 11.84 37.44 -32.58
CA SER B 266 10.39 37.46 -32.94
C SER B 266 9.81 36.05 -32.81
N ASP B 267 10.62 35.03 -33.06
CA ASP B 267 10.23 33.62 -32.87
C ASP B 267 9.74 33.39 -31.44
N VAL B 268 10.62 33.68 -30.47
CA VAL B 268 10.36 33.56 -29.01
C VAL B 268 9.16 34.43 -28.66
N ARG B 269 9.13 35.66 -29.17
CA ARG B 269 8.11 36.68 -28.82
C ARG B 269 6.75 36.25 -29.34
N THR B 270 6.66 35.75 -30.57
CA THR B 270 5.36 35.38 -31.19
C THR B 270 4.87 34.11 -30.48
N ARG B 271 5.73 33.13 -30.23
CA ARG B 271 5.31 31.83 -29.62
C ARG B 271 4.81 32.07 -28.19
N LEU B 272 5.47 32.95 -27.43
CA LEU B 272 5.04 33.25 -26.04
C LEU B 272 3.66 33.92 -26.09
N THR B 273 3.52 34.95 -26.94
CA THR B 273 2.36 35.88 -26.99
C THR B 273 1.14 35.10 -27.53
N ASP B 274 1.34 34.17 -28.46
CA ASP B 274 0.28 33.26 -28.99
C ASP B 274 -0.24 32.29 -27.92
N LEU B 275 0.53 31.99 -26.87
CA LEU B 275 0.07 31.09 -25.77
C LEU B 275 -0.37 31.92 -24.56
N GLY B 276 -0.43 33.26 -24.71
CA GLY B 276 -1.00 34.17 -23.70
C GLY B 276 -0.01 34.57 -22.64
N ALA B 277 1.28 34.34 -22.89
CA ALA B 277 2.41 34.74 -22.01
C ALA B 277 2.85 36.19 -22.33
N LEU B 278 3.28 36.95 -21.33
CA LEU B 278 3.90 38.30 -21.48
C LEU B 278 5.40 38.12 -21.73
N VAL B 279 5.91 38.72 -22.79
CA VAL B 279 7.38 38.91 -23.00
C VAL B 279 7.77 40.08 -22.11
N PRO B 280 8.64 39.91 -21.07
CA PRO B 280 9.11 41.06 -20.28
C PRO B 280 9.79 42.14 -21.14
N ARG B 281 9.41 43.41 -20.92
CA ARG B 281 10.04 44.59 -21.55
C ARG B 281 11.49 44.68 -21.08
N PRO B 282 12.40 45.30 -21.87
CA PRO B 282 13.81 45.40 -21.48
C PRO B 282 14.08 45.65 -19.98
N GLU B 283 13.42 46.65 -19.37
CA GLU B 283 13.65 47.07 -17.96
C GLU B 283 13.04 46.06 -16.97
N GLN B 284 12.17 45.14 -17.43
CA GLN B 284 11.60 44.07 -16.58
C GLN B 284 12.59 42.89 -16.51
N ARG B 285 13.77 42.99 -17.12
CA ARG B 285 14.71 41.83 -17.27
C ARG B 285 15.88 41.90 -16.28
N ALA B 286 16.08 43.05 -15.61
CA ALA B 286 17.09 43.23 -14.55
C ALA B 286 16.85 42.17 -13.47
N PRO B 287 17.91 41.50 -12.97
CA PRO B 287 17.73 40.44 -11.97
C PRO B 287 16.91 40.90 -10.74
N VAL B 288 17.04 42.18 -10.36
CA VAL B 288 16.33 42.75 -9.16
C VAL B 288 14.81 42.68 -9.38
N VAL B 289 14.33 42.74 -10.62
CA VAL B 289 12.87 42.63 -10.91
C VAL B 289 12.39 41.24 -10.48
N LEU B 290 13.21 40.21 -10.73
CA LEU B 290 12.93 38.81 -10.27
C LEU B 290 12.99 38.72 -8.75
N ALA B 291 14.03 39.30 -8.13
CA ALA B 291 14.18 39.30 -6.65
C ALA B 291 12.95 39.95 -6.05
N GLN B 292 12.47 41.06 -6.65
CA GLN B 292 11.29 41.83 -6.18
C GLN B 292 10.03 40.96 -6.20
N LEU B 293 9.77 40.32 -7.33
CA LEU B 293 8.65 39.36 -7.49
C LEU B 293 8.73 38.27 -6.41
N VAL B 294 9.91 37.70 -6.20
CA VAL B 294 10.13 36.57 -5.25
C VAL B 294 9.75 37.05 -3.85
N GLN B 295 10.28 38.20 -3.45
CA GLN B 295 9.99 38.87 -2.17
C GLN B 295 8.46 39.03 -2.05
N GLU B 296 7.84 39.72 -3.01
CA GLU B 296 6.37 39.92 -3.05
C GLU B 296 5.63 38.58 -2.85
N GLU B 297 6.09 37.52 -3.53
CA GLU B 297 5.34 36.24 -3.60
C GLU B 297 5.44 35.53 -2.24
N ILE B 298 6.62 35.55 -1.63
CA ILE B 298 6.83 34.87 -0.32
C ILE B 298 5.79 35.39 0.67
N SER B 299 5.63 36.72 0.85
CA SER B 299 4.67 37.29 1.82
C SER B 299 3.23 37.07 1.36
N ARG B 300 2.94 37.33 0.07
CA ARG B 300 1.58 37.13 -0.47
C ARG B 300 1.04 35.78 0.04
N TRP B 301 1.79 34.69 -0.12
CA TRP B 301 1.33 33.31 0.16
C TRP B 301 1.34 33.02 1.67
N GLU B 302 2.21 33.67 2.45
CA GLU B 302 2.16 33.69 3.95
C GLU B 302 0.81 34.29 4.38
N ASP B 303 0.40 35.37 3.71
CA ASP B 303 -0.89 36.08 3.95
C ASP B 303 -2.06 35.15 3.60
N VAL B 304 -1.96 34.38 2.52
CA VAL B 304 -3.04 33.46 2.06
C VAL B 304 -3.29 32.34 3.08
N VAL B 305 -2.24 31.81 3.70
CA VAL B 305 -2.33 30.57 4.54
C VAL B 305 -2.23 30.95 6.02
N GLU B 306 -2.39 32.22 6.36
CA GLU B 306 -2.18 32.70 7.75
C GLU B 306 -3.28 32.12 8.66
N GLY B 307 -4.43 31.76 8.08
CA GLY B 307 -5.53 31.06 8.77
C GLY B 307 -5.28 29.57 8.93
N THR B 308 -4.03 29.11 8.81
CA THR B 308 -3.56 27.75 9.17
C THR B 308 -2.17 27.86 9.81
N PHE C 13 -18.36 -21.91 -11.33
CA PHE C 13 -18.13 -21.65 -9.87
C PHE C 13 -16.70 -21.99 -9.47
N PRO C 14 -16.01 -21.15 -8.67
CA PRO C 14 -16.50 -19.82 -8.30
C PRO C 14 -16.18 -18.74 -9.34
N VAL C 15 -16.83 -17.62 -9.15
CA VAL C 15 -17.05 -16.56 -10.16
C VAL C 15 -16.43 -15.26 -9.60
N ARG C 16 -16.03 -15.29 -8.33
CA ARG C 16 -15.47 -14.12 -7.60
C ARG C 16 -14.85 -14.63 -6.30
N THR C 17 -14.26 -13.73 -5.52
CA THR C 17 -13.64 -14.04 -4.22
C THR C 17 -14.64 -14.87 -3.41
N VAL C 18 -14.16 -15.96 -2.83
CA VAL C 18 -14.89 -16.79 -1.84
C VAL C 18 -14.50 -16.24 -0.47
N THR C 19 -15.49 -15.80 0.31
CA THR C 19 -15.31 -15.41 1.73
C THR C 19 -15.46 -16.64 2.62
N VAL C 20 -14.44 -16.91 3.43
CA VAL C 20 -14.50 -17.94 4.50
C VAL C 20 -14.50 -17.18 5.82
N VAL C 21 -15.59 -17.31 6.58
CA VAL C 21 -15.77 -16.54 7.84
C VAL C 21 -15.22 -17.41 8.96
N VAL C 22 -14.39 -16.81 9.82
CA VAL C 22 -13.80 -17.43 11.03
C VAL C 22 -14.42 -16.71 12.23
N PRO C 23 -15.06 -17.46 13.17
CA PRO C 23 -15.76 -16.86 14.29
C PRO C 23 -14.86 -16.26 15.37
N PHE C 24 -13.55 -16.44 15.27
CA PHE C 24 -12.60 -16.15 16.37
C PHE C 24 -11.47 -15.24 15.88
N ALA C 25 -10.84 -14.56 16.84
CA ALA C 25 -9.76 -13.59 16.65
C ALA C 25 -8.61 -14.23 15.87
N LYS C 26 -8.01 -13.42 15.00
CA LYS C 26 -6.86 -13.77 14.13
C LYS C 26 -5.72 -14.33 15.01
N GLY C 27 -5.06 -15.41 14.58
CA GLY C 27 -3.89 -15.98 15.27
C GLY C 27 -4.23 -17.16 16.16
N GLY C 28 -5.51 -17.38 16.50
CA GLY C 28 -5.96 -18.56 17.27
C GLY C 28 -6.02 -19.79 16.38
N PRO C 29 -6.39 -20.97 16.92
CA PRO C 29 -6.32 -22.22 16.17
C PRO C 29 -7.23 -22.32 14.93
N THR C 30 -8.46 -21.81 15.01
CA THR C 30 -9.44 -21.88 13.91
C THR C 30 -8.92 -21.01 12.76
N ASP C 31 -8.52 -19.77 13.05
CA ASP C 31 -7.92 -18.82 12.08
C ASP C 31 -6.68 -19.42 11.39
N THR C 32 -5.78 -20.03 12.16
CA THR C 32 -4.52 -20.62 11.66
C THR C 32 -4.84 -21.75 10.69
N VAL C 33 -5.76 -22.64 11.10
CA VAL C 33 -6.19 -23.82 10.29
C VAL C 33 -6.81 -23.33 8.97
N ALA C 34 -7.74 -22.38 9.03
CA ALA C 34 -8.50 -21.87 7.87
C ALA C 34 -7.52 -21.21 6.90
N ARG C 35 -6.63 -20.36 7.40
CA ARG C 35 -5.65 -19.59 6.59
C ARG C 35 -4.70 -20.58 5.91
N LEU C 36 -4.28 -21.62 6.63
CA LEU C 36 -3.38 -22.65 6.09
C LEU C 36 -4.07 -23.40 4.93
N ILE C 37 -5.32 -23.82 5.10
CA ILE C 37 -6.03 -24.67 4.11
C ILE C 37 -6.56 -23.81 2.95
N THR C 38 -7.15 -22.64 3.24
CA THR C 38 -7.72 -21.75 2.18
C THR C 38 -6.61 -21.19 1.27
N ALA C 39 -5.40 -20.98 1.79
CA ALA C 39 -4.22 -20.65 0.97
C ALA C 39 -4.24 -21.53 -0.29
N GLU C 40 -4.27 -22.87 -0.14
CA GLU C 40 -4.09 -23.87 -1.24
C GLU C 40 -5.38 -24.01 -2.07
N MET C 41 -6.56 -23.97 -1.46
CA MET C 41 -7.84 -24.18 -2.16
C MET C 41 -7.93 -23.23 -3.36
N ALA C 42 -7.38 -22.03 -3.23
CA ALA C 42 -7.41 -20.97 -4.27
C ALA C 42 -6.82 -21.53 -5.58
N LYS C 43 -5.70 -22.25 -5.50
CA LYS C 43 -5.04 -22.91 -6.67
C LYS C 43 -6.02 -23.87 -7.33
N THR C 44 -6.93 -24.50 -6.58
CA THR C 44 -7.96 -25.42 -7.14
C THR C 44 -9.18 -24.64 -7.62
N LEU C 45 -9.62 -23.61 -6.90
CA LEU C 45 -10.89 -22.91 -7.21
C LEU C 45 -10.69 -21.94 -8.38
N GLY C 46 -9.51 -21.33 -8.50
CA GLY C 46 -9.27 -20.33 -9.54
C GLY C 46 -9.77 -18.97 -9.12
N GLN C 47 -10.30 -18.85 -7.91
CA GLN C 47 -10.57 -17.51 -7.30
C GLN C 47 -9.85 -17.45 -5.96
N PRO C 48 -9.45 -16.23 -5.53
CA PRO C 48 -8.84 -16.06 -4.21
C PRO C 48 -9.88 -16.34 -3.12
N ILE C 49 -9.39 -16.52 -1.90
CA ILE C 49 -10.20 -16.70 -0.66
C ILE C 49 -9.86 -15.55 0.30
N GLU C 50 -10.88 -14.80 0.70
CA GLU C 50 -10.81 -13.78 1.77
C GLU C 50 -11.19 -14.46 3.10
N ILE C 51 -10.35 -14.33 4.12
CA ILE C 51 -10.71 -14.74 5.50
C ILE C 51 -11.29 -13.50 6.18
N GLU C 52 -12.46 -13.66 6.77
CA GLU C 52 -13.16 -12.61 7.53
C GLU C 52 -13.29 -13.15 8.96
N ASN C 53 -12.60 -12.49 9.90
CA ASN C 53 -12.67 -12.80 11.35
C ASN C 53 -13.82 -11.96 11.91
N MET C 54 -14.98 -12.58 12.07
CA MET C 54 -16.24 -11.92 12.52
C MET C 54 -16.51 -12.38 13.96
N LEU C 55 -16.17 -11.51 14.92
CA LEU C 55 -16.22 -11.80 16.37
C LEU C 55 -17.61 -11.42 16.88
N GLY C 56 -18.10 -12.13 17.89
CA GLY C 56 -19.37 -11.81 18.55
C GLY C 56 -20.03 -13.05 19.09
N ALA C 57 -20.96 -12.82 20.04
CA ALA C 57 -21.87 -13.81 20.65
C ALA C 57 -21.12 -15.13 20.96
N GLY C 58 -19.96 -15.05 21.60
CA GLY C 58 -19.21 -16.23 22.08
C GLY C 58 -18.89 -17.19 20.95
N GLY C 59 -18.58 -16.64 19.78
CA GLY C 59 -18.20 -17.39 18.57
C GLY C 59 -19.39 -17.82 17.72
N THR C 60 -20.63 -17.44 18.05
CA THR C 60 -21.83 -17.90 17.28
C THR C 60 -22.39 -16.80 16.36
N LEU C 61 -21.97 -15.55 16.53
CA LEU C 61 -22.50 -14.47 15.67
C LEU C 61 -22.15 -14.75 14.22
N ALA C 62 -20.92 -15.16 13.93
CA ALA C 62 -20.43 -15.41 12.57
C ALA C 62 -21.32 -16.47 11.87
N ALA C 63 -21.64 -17.59 12.54
CA ALA C 63 -22.41 -18.72 11.95
C ALA C 63 -23.87 -18.29 11.75
N THR C 64 -24.37 -17.42 12.62
CA THR C 64 -25.69 -16.73 12.50
C THR C 64 -25.71 -15.90 11.20
N ARG C 65 -24.69 -15.10 10.94
CA ARG C 65 -24.68 -14.23 9.73
C ARG C 65 -24.56 -15.10 8.46
N VAL C 66 -23.63 -16.04 8.43
CA VAL C 66 -23.45 -16.95 7.26
C VAL C 66 -24.73 -17.77 7.01
N ALA C 67 -25.48 -18.13 8.05
CA ALA C 67 -26.79 -18.84 7.93
C ALA C 67 -27.72 -18.11 6.96
N HIS C 68 -27.73 -16.77 6.99
CA HIS C 68 -28.63 -15.90 6.19
C HIS C 68 -27.93 -15.38 4.92
N ALA C 69 -26.77 -15.92 4.56
CA ALA C 69 -26.02 -15.49 3.35
C ALA C 69 -26.50 -16.29 2.13
N ALA C 70 -26.38 -15.68 0.95
CA ALA C 70 -26.76 -16.28 -0.34
C ALA C 70 -26.14 -17.68 -0.40
N PRO C 71 -26.92 -18.75 -0.70
CA PRO C 71 -26.37 -20.10 -0.79
C PRO C 71 -25.66 -20.39 -2.13
N ASP C 72 -24.76 -19.50 -2.55
CA ASP C 72 -24.10 -19.53 -3.88
C ASP C 72 -22.66 -20.04 -3.70
N GLY C 73 -22.28 -20.42 -2.48
CA GLY C 73 -20.93 -20.95 -2.16
C GLY C 73 -19.82 -19.92 -2.15
N HIS C 74 -20.11 -18.62 -2.18
CA HIS C 74 -19.07 -17.56 -2.11
C HIS C 74 -18.95 -17.01 -0.69
N THR C 75 -19.77 -17.50 0.25
CA THR C 75 -19.73 -17.13 1.69
C THR C 75 -19.85 -18.44 2.47
N LEU C 76 -18.74 -18.88 3.06
CA LEU C 76 -18.64 -20.13 3.87
C LEU C 76 -18.34 -19.74 5.32
N ILE C 77 -18.62 -20.65 6.24
CA ILE C 77 -18.31 -20.49 7.69
C ILE C 77 -17.43 -21.66 8.06
N VAL C 78 -16.36 -21.38 8.81
CA VAL C 78 -15.59 -22.44 9.53
C VAL C 78 -16.26 -22.65 10.88
N GLY C 79 -16.74 -23.86 11.13
CA GLY C 79 -17.35 -24.26 12.41
C GLY C 79 -16.55 -25.35 13.04
N HIS C 80 -16.73 -25.56 14.34
CA HIS C 80 -15.99 -26.63 15.04
C HIS C 80 -16.90 -27.30 16.08
N LEU C 81 -16.33 -28.23 16.85
CA LEU C 81 -17.01 -28.92 17.99
C LEU C 81 -17.82 -27.90 18.81
N GLY C 82 -17.33 -26.66 18.98
CA GLY C 82 -18.07 -25.62 19.71
C GLY C 82 -19.27 -25.10 18.93
N THR C 83 -19.02 -24.39 17.82
CA THR C 83 -20.04 -23.56 17.14
C THR C 83 -21.11 -24.48 16.56
N HIS C 84 -20.73 -25.68 16.11
CA HIS C 84 -21.61 -26.59 15.34
C HIS C 84 -21.73 -27.93 16.07
N GLY C 85 -21.65 -27.90 17.39
CA GLY C 85 -21.86 -29.08 18.25
C GLY C 85 -22.28 -28.67 19.64
N ALA C 86 -21.31 -28.35 20.50
CA ALA C 86 -21.52 -28.08 21.93
C ALA C 86 -22.45 -26.87 22.11
N ALA C 87 -22.57 -25.99 21.13
CA ALA C 87 -23.29 -24.71 21.33
C ALA C 87 -24.78 -25.00 21.50
N VAL C 88 -25.28 -26.14 21.02
CA VAL C 88 -26.75 -26.41 21.10
C VAL C 88 -27.14 -26.67 22.57
N ALA C 89 -26.33 -27.45 23.28
CA ALA C 89 -26.54 -27.80 24.70
C ALA C 89 -26.14 -26.64 25.59
N LEU C 90 -25.21 -25.77 25.16
CA LEU C 90 -24.49 -24.84 26.08
C LEU C 90 -24.82 -23.38 25.77
N PHE C 91 -25.15 -23.03 24.53
CA PHE C 91 -25.39 -21.60 24.19
C PHE C 91 -26.88 -21.32 24.37
N PRO C 92 -27.23 -20.39 25.29
CA PRO C 92 -28.62 -20.07 25.59
C PRO C 92 -29.28 -19.34 24.41
N LYS C 93 -30.33 -19.95 23.84
CA LYS C 93 -31.13 -19.43 22.69
C LYS C 93 -30.19 -19.12 21.51
N LEU C 94 -29.52 -20.15 21.03
CA LEU C 94 -28.58 -20.13 19.87
C LEU C 94 -29.38 -19.84 18.59
N ALA C 95 -28.93 -18.87 17.79
CA ALA C 95 -29.72 -18.28 16.69
C ALA C 95 -29.87 -19.27 15.52
N TYR C 96 -29.23 -20.44 15.54
CA TYR C 96 -29.20 -21.35 14.38
C TYR C 96 -29.13 -22.80 14.86
N ARG C 97 -29.53 -23.71 13.97
CA ARG C 97 -29.39 -25.18 14.09
C ARG C 97 -28.14 -25.61 13.30
N PRO C 98 -27.08 -26.14 13.95
CA PRO C 98 -25.86 -26.50 13.23
C PRO C 98 -26.07 -27.52 12.10
N ASP C 99 -26.97 -28.48 12.32
CA ASP C 99 -27.38 -29.50 11.30
C ASP C 99 -28.17 -28.78 10.20
N LYS C 100 -29.27 -28.11 10.51
CA LYS C 100 -30.33 -27.77 9.51
C LYS C 100 -30.17 -26.34 8.95
N ASP C 101 -29.31 -25.49 9.51
CA ASP C 101 -29.15 -24.13 8.97
C ASP C 101 -27.89 -24.04 8.09
N PHE C 102 -27.27 -25.19 7.78
CA PHE C 102 -25.98 -25.26 7.03
C PHE C 102 -25.91 -26.51 6.16
N THR C 103 -25.30 -26.35 4.98
CA THR C 103 -24.83 -27.47 4.15
C THR C 103 -23.36 -27.71 4.49
N PRO C 104 -23.01 -28.86 5.11
CA PRO C 104 -21.61 -29.21 5.33
C PRO C 104 -20.82 -29.37 4.02
N VAL C 105 -19.63 -28.81 3.93
CA VAL C 105 -18.68 -28.98 2.80
C VAL C 105 -17.63 -30.07 3.14
N ALA C 106 -16.82 -29.89 4.18
CA ALA C 106 -15.65 -30.78 4.44
C ALA C 106 -15.12 -30.63 5.86
N LEU C 107 -14.81 -31.76 6.51
CA LEU C 107 -13.92 -31.78 7.71
C LEU C 107 -12.56 -31.25 7.28
N LEU C 108 -11.98 -30.32 8.05
CA LEU C 108 -10.66 -29.68 7.73
C LEU C 108 -9.57 -30.37 8.54
N THR C 109 -9.84 -30.61 9.81
CA THR C 109 -8.84 -31.10 10.77
C THR C 109 -9.59 -31.54 12.01
N GLU C 110 -8.90 -32.33 12.83
CA GLU C 110 -9.30 -32.64 14.21
C GLU C 110 -8.04 -32.50 15.06
N MET C 111 -8.20 -32.07 16.32
CA MET C 111 -7.05 -32.04 17.27
C MET C 111 -7.54 -32.24 18.70
N PRO C 112 -6.69 -32.86 19.54
CA PRO C 112 -6.96 -32.91 20.98
C PRO C 112 -6.89 -31.53 21.66
N VAL C 113 -7.67 -31.40 22.74
CA VAL C 113 -7.63 -30.25 23.68
C VAL C 113 -6.64 -30.59 24.80
N LEU C 114 -5.90 -29.59 25.26
CA LEU C 114 -4.94 -29.69 26.39
C LEU C 114 -5.46 -28.80 27.51
N LEU C 115 -5.30 -29.24 28.76
CA LEU C 115 -5.49 -28.37 29.94
C LEU C 115 -4.19 -27.61 30.12
N LEU C 116 -4.23 -26.30 29.93
CA LEU C 116 -3.05 -25.41 30.02
C LEU C 116 -3.20 -24.56 31.26
N ALA C 117 -2.08 -24.12 31.83
CA ALA C 117 -2.00 -23.26 33.03
C ALA C 117 -0.85 -22.26 32.91
N ARG C 118 -0.99 -21.13 33.57
CA ARG C 118 0.13 -20.17 33.76
C ARG C 118 1.31 -20.92 34.38
N LYS C 119 2.53 -20.50 33.99
CA LYS C 119 3.87 -21.03 34.39
C LYS C 119 3.94 -21.41 35.88
N GLN C 120 3.50 -20.48 36.73
CA GLN C 120 3.76 -20.51 38.20
C GLN C 120 2.50 -21.00 38.92
N PHE C 121 1.55 -21.64 38.23
CA PHE C 121 0.39 -22.28 38.90
C PHE C 121 0.94 -23.38 39.79
N PRO C 122 0.67 -23.31 41.12
CA PRO C 122 1.24 -24.25 42.09
C PRO C 122 1.14 -25.74 41.78
N PRO C 123 -0.03 -26.30 41.42
CA PRO C 123 -0.19 -27.76 41.26
C PRO C 123 0.89 -28.43 40.40
N LYS C 124 1.35 -29.62 40.81
CA LYS C 124 2.45 -30.34 40.12
C LYS C 124 1.85 -31.37 39.16
N ASP C 125 0.60 -31.77 39.38
CA ASP C 125 -0.09 -32.80 38.55
C ASP C 125 -1.61 -32.61 38.67
N LEU C 126 -2.39 -33.50 38.06
CA LEU C 126 -3.86 -33.36 38.02
C LEU C 126 -4.43 -33.55 39.40
N SER C 127 -3.87 -34.48 40.18
CA SER C 127 -4.17 -34.73 41.61
C SER C 127 -4.22 -33.41 42.39
N GLU C 128 -3.10 -32.67 42.41
CA GLU C 128 -2.94 -31.37 43.14
C GLU C 128 -3.80 -30.28 42.50
N PHE C 129 -4.10 -30.40 41.20
CA PHE C 129 -4.95 -29.44 40.46
C PHE C 129 -6.37 -29.50 41.04
N ALA C 130 -6.93 -30.71 41.08
CA ALA C 130 -8.27 -31.00 41.65
C ALA C 130 -8.38 -30.33 43.02
N SER C 131 -7.47 -30.70 43.93
CA SER C 131 -7.38 -30.19 45.32
C SER C 131 -7.29 -28.66 45.32
N TYR C 132 -6.39 -28.08 44.51
CA TYR C 132 -5.99 -26.66 44.59
C TYR C 132 -7.13 -25.78 44.06
N VAL C 133 -7.75 -26.20 42.97
CA VAL C 133 -8.92 -25.48 42.37
C VAL C 133 -10.10 -25.53 43.35
N GLU C 134 -10.36 -26.69 43.97
CA GLU C 134 -11.41 -26.86 45.02
C GLU C 134 -11.19 -25.82 46.13
N SER C 135 -9.94 -25.66 46.59
CA SER C 135 -9.51 -24.89 47.79
C SER C 135 -9.37 -23.39 47.53
N HIS C 136 -9.10 -22.94 46.31
CA HIS C 136 -8.82 -21.52 45.99
C HIS C 136 -9.83 -21.01 44.97
N THR C 137 -10.95 -21.73 44.84
CA THR C 137 -11.89 -21.62 43.70
C THR C 137 -12.21 -20.14 43.41
N ASP C 138 -12.43 -19.32 44.44
CA ASP C 138 -12.90 -17.91 44.32
C ASP C 138 -11.82 -17.03 43.69
N ASN C 139 -10.55 -17.36 43.94
CA ASN C 139 -9.35 -16.61 43.49
C ASN C 139 -9.03 -16.93 42.02
N LEU C 140 -9.78 -17.83 41.37
CA LEU C 140 -9.33 -18.44 40.10
C LEU C 140 -10.13 -17.89 38.92
N ASN C 141 -9.41 -17.67 37.83
CA ASN C 141 -9.94 -17.19 36.54
C ASN C 141 -9.61 -18.22 35.48
N VAL C 142 -10.65 -18.74 34.82
CA VAL C 142 -10.54 -19.74 33.73
C VAL C 142 -10.92 -19.04 32.42
N ALA C 143 -9.98 -19.01 31.48
CA ALA C 143 -10.09 -18.35 30.16
C ALA C 143 -10.82 -19.29 29.18
N HIS C 144 -11.79 -18.74 28.45
CA HIS C 144 -12.46 -19.42 27.30
C HIS C 144 -12.81 -18.35 26.28
N ALA C 145 -13.36 -18.76 25.13
CA ALA C 145 -13.72 -17.84 24.03
C ALA C 145 -15.25 -17.87 23.79
N GLY C 146 -16.04 -17.95 24.87
CA GLY C 146 -17.50 -17.77 24.82
C GLY C 146 -18.21 -19.11 24.78
N PHE C 147 -19.54 -19.13 24.84
CA PHE C 147 -20.33 -20.35 25.09
C PHE C 147 -20.32 -21.23 23.82
N GLY C 148 -19.94 -20.70 22.67
CA GLY C 148 -19.85 -21.49 21.41
C GLY C 148 -18.42 -21.94 21.09
N SER C 149 -17.52 -21.87 22.08
CA SER C 149 -16.07 -22.16 21.91
C SER C 149 -15.75 -23.57 22.42
N VAL C 150 -14.69 -24.16 21.87
CA VAL C 150 -14.13 -25.48 22.27
C VAL C 150 -13.53 -25.34 23.67
N SER C 151 -12.85 -24.22 23.94
CA SER C 151 -12.24 -23.93 25.27
C SER C 151 -13.35 -23.93 26.33
N TYR C 152 -14.52 -23.36 26.02
CA TYR C 152 -15.62 -23.25 27.01
C TYR C 152 -16.24 -24.63 27.23
N ALA C 153 -16.63 -25.31 26.16
CA ALA C 153 -17.15 -26.68 26.26
C ALA C 153 -16.17 -27.50 27.11
N SER C 154 -14.89 -27.45 26.74
CA SER C 154 -13.84 -28.29 27.39
C SER C 154 -13.69 -27.93 28.87
N CYS C 155 -13.65 -26.64 29.24
CA CYS C 155 -13.39 -26.24 30.65
C CYS C 155 -14.64 -26.60 31.48
N LEU C 156 -15.82 -26.52 30.87
CA LEU C 156 -17.10 -26.89 31.55
C LEU C 156 -17.15 -28.41 31.76
N LEU C 157 -16.75 -29.20 30.77
CA LEU C 157 -16.62 -30.65 30.97
C LEU C 157 -15.65 -30.89 32.13
N LEU C 158 -14.47 -30.24 32.10
CA LEU C 158 -13.39 -30.49 33.09
C LEU C 158 -13.89 -30.13 34.49
N ASN C 159 -14.48 -28.96 34.62
CA ASN C 159 -14.83 -28.39 35.95
C ASN C 159 -15.95 -29.24 36.54
N ARG C 160 -16.94 -29.58 35.72
CA ARG C 160 -18.07 -30.48 36.02
C ARG C 160 -17.52 -31.80 36.56
N LEU C 161 -16.45 -32.32 35.93
CA LEU C 161 -15.83 -33.62 36.31
C LEU C 161 -15.00 -33.47 37.58
N LEU C 162 -14.47 -32.29 37.88
CA LEU C 162 -13.74 -32.05 39.15
C LEU C 162 -14.67 -31.45 40.22
N LYS C 163 -15.96 -31.25 39.91
CA LYS C 163 -16.95 -30.66 40.84
C LYS C 163 -16.41 -29.33 41.37
N VAL C 164 -16.05 -28.41 40.47
CA VAL C 164 -15.54 -27.04 40.78
C VAL C 164 -16.21 -26.05 39.83
N ASP C 165 -16.38 -24.80 40.25
CA ASP C 165 -17.09 -23.76 39.48
C ASP C 165 -16.33 -22.43 39.51
N PRO C 166 -15.07 -22.37 39.00
CA PRO C 166 -14.36 -21.11 38.95
C PRO C 166 -15.06 -20.13 37.99
N THR C 167 -14.95 -18.83 38.26
CA THR C 167 -15.29 -17.73 37.34
C THR C 167 -14.63 -17.96 35.97
N GLY C 168 -15.42 -17.90 34.89
CA GLY C 168 -14.91 -17.88 33.50
C GLY C 168 -14.65 -16.45 33.03
N VAL C 169 -13.57 -16.24 32.28
CA VAL C 169 -13.30 -14.95 31.59
C VAL C 169 -13.40 -15.20 30.09
N PRO C 170 -14.37 -14.56 29.39
CA PRO C 170 -14.49 -14.75 27.95
C PRO C 170 -13.52 -13.83 27.20
N PHE C 171 -12.88 -14.38 26.16
CA PHE C 171 -12.05 -13.67 25.15
C PHE C 171 -12.70 -13.83 23.78
N SER C 172 -12.22 -13.07 22.81
CA SER C 172 -12.66 -13.14 21.39
C SER C 172 -12.08 -14.39 20.71
N GLY C 173 -11.26 -15.17 21.41
CA GLY C 173 -10.60 -16.37 20.86
C GLY C 173 -9.57 -16.89 21.83
N THR C 174 -8.93 -18.03 21.54
CA THR C 174 -7.82 -18.57 22.38
C THR C 174 -6.49 -17.97 21.92
N GLY C 175 -6.45 -17.29 20.77
CA GLY C 175 -5.35 -16.37 20.43
C GLY C 175 -5.09 -15.40 21.58
N PRO C 176 -6.03 -14.47 21.87
CA PRO C 176 -5.89 -13.56 23.00
C PRO C 176 -5.87 -14.26 24.37
N ALA C 177 -6.61 -15.36 24.58
CA ALA C 177 -6.75 -16.00 25.91
C ALA C 177 -5.43 -16.67 26.30
N LEU C 178 -4.74 -17.30 25.34
CA LEU C 178 -3.40 -17.89 25.57
C LEU C 178 -2.42 -16.76 25.90
N GLN C 179 -2.49 -15.62 25.21
CA GLN C 179 -1.61 -14.47 25.51
C GLN C 179 -1.82 -14.06 26.98
N ALA C 180 -3.06 -14.02 27.46
CA ALA C 180 -3.38 -13.66 28.87
C ALA C 180 -2.84 -14.75 29.81
N LEU C 181 -2.91 -16.02 29.40
CA LEU C 181 -2.37 -17.15 30.20
C LEU C 181 -0.85 -17.04 30.28
N VAL C 182 -0.22 -16.72 29.16
CA VAL C 182 1.26 -16.47 29.09
C VAL C 182 1.63 -15.36 30.08
N GLU C 183 0.78 -14.34 30.24
CA GLU C 183 1.09 -13.15 31.08
C GLU C 183 0.56 -13.33 32.51
N GLY C 184 0.04 -14.51 32.85
CA GLY C 184 -0.39 -14.88 34.22
C GLY C 184 -1.63 -14.09 34.64
N GLN C 185 -2.35 -13.54 33.66
CA GLN C 185 -3.59 -12.76 33.87
C GLN C 185 -4.77 -13.72 34.08
N VAL C 186 -4.63 -14.98 33.67
CA VAL C 186 -5.61 -16.07 33.95
C VAL C 186 -4.83 -17.27 34.47
N ASP C 187 -5.56 -18.22 35.05
CA ASP C 187 -4.97 -19.34 35.82
C ASP C 187 -4.84 -20.55 34.91
N TYR C 188 -5.93 -20.92 34.26
CA TYR C 188 -5.94 -22.10 33.38
C TYR C 188 -7.03 -21.94 32.33
N MET C 189 -6.93 -22.78 31.31
CA MET C 189 -7.88 -22.89 30.20
C MET C 189 -7.66 -24.25 29.55
N CYS C 190 -8.65 -24.68 28.76
CA CYS C 190 -8.49 -25.77 27.78
C CYS C 190 -8.27 -25.10 26.42
N ASP C 191 -7.44 -25.69 25.57
CA ASP C 191 -7.16 -25.12 24.24
C ASP C 191 -6.78 -26.25 23.28
N GLN C 192 -7.09 -26.03 22.01
CA GLN C 192 -6.73 -26.90 20.87
C GLN C 192 -5.21 -26.88 20.78
N ILE C 193 -4.63 -28.04 20.55
CA ILE C 193 -3.16 -28.23 20.64
C ILE C 193 -2.45 -27.25 19.69
N VAL C 194 -2.98 -26.97 18.50
CA VAL C 194 -2.24 -26.19 17.45
C VAL C 194 -1.94 -24.80 18.01
N ASN C 195 -2.82 -24.26 18.85
CA ASN C 195 -2.62 -22.93 19.46
C ASN C 195 -1.54 -23.00 20.55
N ALA C 196 -1.45 -24.15 21.24
CA ALA C 196 -0.72 -24.35 22.50
C ALA C 196 0.78 -24.62 22.23
N VAL C 197 1.07 -25.37 21.18
CA VAL C 197 2.42 -25.98 20.92
C VAL C 197 3.51 -24.90 21.01
N PRO C 198 3.43 -23.77 20.27
CA PRO C 198 4.51 -22.80 20.27
C PRO C 198 4.80 -22.22 21.67
N ALA C 199 3.78 -21.86 22.44
CA ALA C 199 3.95 -21.37 23.83
C ALA C 199 4.49 -22.51 24.73
N LEU C 200 4.09 -23.76 24.50
CA LEU C 200 4.54 -24.92 25.33
C LEU C 200 6.03 -25.17 25.08
N ARG C 201 6.46 -25.16 23.81
CA ARG C 201 7.88 -25.36 23.40
C ARG C 201 8.76 -24.30 24.07
N GLU C 202 8.23 -23.10 24.29
CA GLU C 202 9.00 -21.97 24.88
C GLU C 202 8.79 -21.89 26.40
N GLY C 203 8.02 -22.81 27.00
CA GLY C 203 7.76 -22.89 28.45
C GLY C 203 7.03 -21.67 29.01
N LYS C 204 6.23 -20.97 28.19
CA LYS C 204 5.53 -19.73 28.61
C LYS C 204 4.21 -20.12 29.28
N VAL C 205 3.75 -21.35 29.07
CA VAL C 205 2.59 -21.94 29.80
C VAL C 205 2.98 -23.40 30.08
N LYS C 206 2.25 -24.10 30.94
CA LYS C 206 2.47 -25.55 31.09
C LYS C 206 1.15 -26.27 30.88
N ALA C 207 1.23 -27.58 30.72
CA ALA C 207 0.11 -28.47 30.39
C ALA C 207 0.01 -29.55 31.46
N TYR C 208 -1.17 -29.82 31.98
CA TYR C 208 -1.38 -30.88 32.99
C TYR C 208 -1.72 -32.18 32.28
N VAL C 209 -2.69 -32.15 31.35
CA VAL C 209 -3.20 -33.37 30.66
C VAL C 209 -3.59 -33.05 29.21
N ILE C 210 -3.73 -34.09 28.40
CA ILE C 210 -4.31 -34.01 27.02
C ILE C 210 -5.63 -34.76 27.05
N ALA C 211 -6.71 -34.13 26.58
CA ALA C 211 -8.08 -34.66 26.63
C ALA C 211 -8.23 -35.66 25.46
N ALA C 212 -7.45 -36.73 25.53
CA ALA C 212 -7.32 -37.76 24.49
C ALA C 212 -7.01 -39.11 25.15
N SER C 213 -7.17 -40.19 24.39
CA SER C 213 -6.93 -41.60 24.78
C SER C 213 -5.43 -41.90 24.80
N GLU C 214 -4.70 -41.54 23.75
CA GLU C 214 -3.23 -41.67 23.67
C GLU C 214 -2.59 -40.28 23.84
N ARG C 215 -1.31 -40.25 24.19
CA ARG C 215 -0.50 -39.02 24.20
C ARG C 215 -0.23 -38.57 22.77
N ASP C 216 -0.25 -37.27 22.49
CA ASP C 216 0.14 -36.69 21.17
C ASP C 216 1.66 -36.62 21.07
N PRO C 217 2.26 -37.06 19.93
CA PRO C 217 3.72 -37.02 19.75
C PRO C 217 4.38 -35.62 19.69
N VAL C 218 3.62 -34.52 19.55
CA VAL C 218 4.21 -33.16 19.58
C VAL C 218 4.35 -32.71 21.05
N VAL C 219 3.57 -33.28 21.97
CA VAL C 219 3.68 -33.04 23.45
C VAL C 219 3.85 -34.39 24.15
N PRO C 220 4.97 -35.08 23.86
CA PRO C 220 5.15 -36.48 24.29
C PRO C 220 5.09 -36.68 25.80
N ASP C 221 5.25 -35.61 26.59
CA ASP C 221 5.43 -35.63 28.06
C ASP C 221 4.12 -35.33 28.78
N VAL C 222 3.11 -34.84 28.08
CA VAL C 222 1.82 -34.46 28.71
C VAL C 222 0.99 -35.74 28.88
N PRO C 223 0.69 -36.16 30.12
CA PRO C 223 -0.10 -37.36 30.32
C PRO C 223 -1.51 -37.19 29.71
N THR C 224 -2.15 -38.29 29.36
CA THR C 224 -3.57 -38.32 28.93
C THR C 224 -4.43 -38.12 30.18
N ALA C 225 -5.61 -37.55 30.03
CA ALA C 225 -6.57 -37.43 31.15
C ALA C 225 -6.80 -38.82 31.74
N ARG C 226 -6.85 -39.87 30.92
CA ARG C 226 -7.17 -41.23 31.43
C ARG C 226 -6.03 -41.74 32.31
N GLU C 227 -4.76 -41.63 31.88
CA GLU C 227 -3.61 -42.11 32.70
C GLU C 227 -3.49 -41.24 33.96
N ALA C 228 -4.08 -40.04 33.98
CA ALA C 228 -4.18 -39.15 35.17
C ALA C 228 -5.46 -39.41 35.97
N GLY C 229 -6.24 -40.44 35.62
CA GLY C 229 -7.42 -40.89 36.38
C GLY C 229 -8.65 -40.02 36.17
N LEU C 230 -8.71 -39.24 35.08
CA LEU C 230 -9.89 -38.42 34.70
C LEU C 230 -10.27 -38.74 33.25
N PRO C 231 -10.71 -39.99 32.98
CA PRO C 231 -10.90 -40.48 31.60
C PRO C 231 -12.06 -39.77 30.90
N GLY C 232 -13.01 -39.23 31.68
CA GLY C 232 -14.14 -38.41 31.20
C GLY C 232 -13.67 -37.18 30.44
N PHE C 233 -12.47 -36.69 30.68
CA PHE C 233 -11.93 -35.51 29.96
C PHE C 233 -11.30 -35.95 28.64
N GLN C 234 -12.13 -36.22 27.64
CA GLN C 234 -11.71 -36.55 26.24
C GLN C 234 -12.47 -35.64 25.28
N VAL C 235 -11.77 -34.71 24.63
CA VAL C 235 -12.36 -33.80 23.59
C VAL C 235 -11.50 -33.85 22.33
N GLY C 236 -12.04 -34.47 21.30
CA GLY C 236 -11.56 -34.40 19.91
C GLY C 236 -12.26 -33.26 19.20
N ALA C 237 -11.64 -32.09 19.23
CA ALA C 237 -12.11 -30.84 18.59
C ALA C 237 -11.91 -30.96 17.08
N TRP C 238 -12.99 -31.18 16.35
CA TRP C 238 -12.99 -31.18 14.86
C TRP C 238 -13.30 -29.75 14.40
N THR C 239 -12.83 -29.41 13.21
CA THR C 239 -13.05 -28.11 12.55
C THR C 239 -13.55 -28.44 11.13
N GLY C 240 -14.67 -27.85 10.71
CA GLY C 240 -15.27 -28.07 9.39
C GLY C 240 -15.51 -26.78 8.62
N LEU C 241 -15.70 -26.91 7.32
CA LEU C 241 -16.22 -25.84 6.44
C LEU C 241 -17.68 -26.18 6.12
N PHE C 242 -18.57 -25.21 6.31
CA PHE C 242 -20.02 -25.29 6.00
C PHE C 242 -20.38 -24.14 5.08
N ALA C 243 -21.42 -24.35 4.27
CA ALA C 243 -22.06 -23.33 3.41
C ALA C 243 -23.45 -23.04 3.95
N PRO C 244 -24.09 -21.94 3.50
CA PRO C 244 -25.50 -21.72 3.80
C PRO C 244 -26.33 -22.92 3.32
N ARG C 245 -27.41 -23.20 4.05
CA ARG C 245 -28.31 -24.33 3.75
C ARG C 245 -28.83 -24.22 2.30
N GLY C 246 -28.69 -25.30 1.54
CA GLY C 246 -29.22 -25.39 0.16
C GLY C 246 -28.22 -24.90 -0.87
N THR C 247 -26.96 -24.70 -0.50
CA THR C 247 -25.88 -24.48 -1.50
C THR C 247 -25.90 -25.71 -2.40
N PRO C 248 -26.08 -25.54 -3.73
CA PRO C 248 -26.16 -26.67 -4.64
C PRO C 248 -25.02 -27.68 -4.46
N GLU C 249 -25.36 -28.97 -4.59
CA GLU C 249 -24.44 -30.13 -4.53
C GLU C 249 -23.20 -29.91 -5.42
N PRO C 250 -23.30 -29.48 -6.69
CA PRO C 250 -22.10 -29.34 -7.54
C PRO C 250 -21.14 -28.26 -7.00
N ILE C 251 -21.66 -27.24 -6.32
CA ILE C 251 -20.80 -26.20 -5.68
C ILE C 251 -20.11 -26.81 -4.45
N VAL C 252 -20.83 -27.60 -3.66
CA VAL C 252 -20.26 -28.29 -2.47
C VAL C 252 -19.12 -29.21 -2.91
N ALA C 253 -19.29 -29.92 -4.02
CA ALA C 253 -18.32 -30.90 -4.57
C ALA C 253 -17.07 -30.16 -5.06
N LYS C 254 -17.23 -28.98 -5.65
CA LYS C 254 -16.10 -28.13 -6.12
C LYS C 254 -15.31 -27.61 -4.89
N LEU C 255 -16.01 -27.06 -3.89
CA LEU C 255 -15.35 -26.66 -2.61
C LEU C 255 -14.70 -27.88 -1.94
N ASN C 256 -15.41 -28.99 -1.80
CA ASN C 256 -14.88 -30.23 -1.17
C ASN C 256 -13.62 -30.71 -1.92
N ALA C 257 -13.65 -30.76 -3.26
CA ALA C 257 -12.48 -31.07 -4.11
C ALA C 257 -11.31 -30.16 -3.73
N ALA C 258 -11.55 -28.86 -3.57
CA ALA C 258 -10.48 -27.87 -3.28
C ALA C 258 -9.90 -28.12 -1.88
N VAL C 259 -10.75 -28.41 -0.90
CA VAL C 259 -10.32 -28.77 0.48
C VAL C 259 -9.49 -30.04 0.38
N SER C 260 -10.00 -31.08 -0.30
CA SER C 260 -9.29 -32.38 -0.44
C SER C 260 -7.88 -32.20 -1.03
N ARG C 261 -7.71 -31.39 -2.07
CA ARG C 261 -6.39 -31.17 -2.75
C ARG C 261 -5.46 -30.34 -1.85
N ALA C 262 -5.98 -29.36 -1.12
CA ALA C 262 -5.19 -28.59 -0.13
C ALA C 262 -4.62 -29.56 0.93
N LEU C 263 -5.49 -30.38 1.53
CA LEU C 263 -5.12 -31.37 2.57
C LEU C 263 -4.11 -32.38 2.02
N ASP C 264 -4.02 -32.53 0.70
CA ASP C 264 -3.01 -33.41 0.02
C ASP C 264 -1.66 -32.70 -0.13
N GLN C 265 -1.58 -31.37 -0.11
CA GLN C 265 -0.29 -30.68 -0.36
C GLN C 265 0.64 -30.85 0.84
N SER C 266 1.94 -30.97 0.55
CA SER C 266 3.03 -31.35 1.48
C SER C 266 3.18 -30.32 2.63
N ASP C 267 3.17 -29.03 2.31
CA ASP C 267 3.29 -27.93 3.29
C ASP C 267 2.11 -27.97 4.27
N VAL C 268 0.91 -28.09 3.74
CA VAL C 268 -0.32 -28.10 4.56
C VAL C 268 -0.23 -29.27 5.54
N ARG C 269 0.02 -30.48 5.07
CA ARG C 269 0.03 -31.68 5.95
C ARG C 269 1.08 -31.47 7.06
N THR C 270 2.23 -30.91 6.72
CA THR C 270 3.39 -30.78 7.63
C THR C 270 3.05 -29.77 8.72
N ARG C 271 2.62 -28.58 8.34
CA ARG C 271 2.26 -27.49 9.27
C ARG C 271 1.17 -27.96 10.23
N LEU C 272 0.18 -28.73 9.77
CA LEU C 272 -0.89 -29.26 10.64
C LEU C 272 -0.30 -30.28 11.62
N THR C 273 0.38 -31.31 11.08
CA THR C 273 1.06 -32.41 11.81
C THR C 273 2.05 -31.87 12.85
N ASP C 274 2.93 -30.94 12.47
CA ASP C 274 3.95 -30.36 13.37
C ASP C 274 3.24 -29.67 14.54
N LEU C 275 2.00 -29.19 14.32
CA LEU C 275 1.23 -28.50 15.37
C LEU C 275 0.31 -29.48 16.13
N GLY C 276 0.40 -30.78 15.87
CA GLY C 276 -0.30 -31.84 16.62
C GLY C 276 -1.71 -32.08 16.10
N ALA C 277 -2.07 -31.46 14.98
CA ALA C 277 -3.39 -31.55 14.33
C ALA C 277 -3.42 -32.78 13.40
N LEU C 278 -4.61 -33.33 13.13
CA LEU C 278 -4.78 -34.50 12.25
C LEU C 278 -5.20 -34.03 10.87
N VAL C 279 -4.67 -34.68 9.83
CA VAL C 279 -5.14 -34.50 8.42
C VAL C 279 -6.15 -35.60 8.13
N PRO C 280 -7.43 -35.27 7.87
CA PRO C 280 -8.43 -36.33 7.67
C PRO C 280 -8.03 -37.11 6.41
N ARG C 281 -8.12 -38.44 6.48
CA ARG C 281 -7.87 -39.33 5.31
C ARG C 281 -8.97 -39.07 4.28
N PRO C 282 -8.80 -39.52 3.02
CA PRO C 282 -9.84 -39.32 2.00
C PRO C 282 -11.27 -39.65 2.45
N GLU C 283 -11.46 -40.77 3.16
CA GLU C 283 -12.79 -41.31 3.60
C GLU C 283 -13.49 -40.33 4.56
N GLN C 284 -12.75 -39.54 5.32
CA GLN C 284 -13.27 -38.61 6.35
C GLN C 284 -13.65 -37.27 5.69
N ARG C 285 -13.33 -37.10 4.40
CA ARG C 285 -13.40 -35.77 3.72
C ARG C 285 -14.79 -35.50 3.12
N ALA C 286 -15.63 -36.52 2.97
CA ALA C 286 -16.96 -36.38 2.33
C ALA C 286 -17.82 -35.48 3.19
N PRO C 287 -18.70 -34.64 2.59
CA PRO C 287 -19.61 -33.79 3.36
C PRO C 287 -20.38 -34.59 4.41
N VAL C 288 -20.78 -35.80 4.07
CA VAL C 288 -21.65 -36.63 4.96
C VAL C 288 -20.92 -36.93 6.28
N VAL C 289 -19.59 -36.96 6.28
CA VAL C 289 -18.82 -37.22 7.53
C VAL C 289 -19.01 -36.03 8.48
N LEU C 290 -18.80 -34.80 8.01
CA LEU C 290 -19.00 -33.55 8.77
C LEU C 290 -20.43 -33.49 9.28
N ALA C 291 -21.41 -33.83 8.45
CA ALA C 291 -22.84 -33.87 8.83
C ALA C 291 -23.02 -34.78 10.06
N GLN C 292 -22.40 -35.98 10.03
CA GLN C 292 -22.52 -37.02 11.08
C GLN C 292 -21.77 -36.56 12.35
N LEU C 293 -20.61 -35.90 12.21
CA LEU C 293 -19.91 -35.30 13.38
C LEU C 293 -20.83 -34.27 14.05
N VAL C 294 -21.51 -33.44 13.29
CA VAL C 294 -22.41 -32.41 13.87
C VAL C 294 -23.50 -33.13 14.67
N GLN C 295 -24.15 -34.17 14.12
CA GLN C 295 -25.23 -34.92 14.82
C GLN C 295 -24.69 -35.49 16.13
N GLU C 296 -23.60 -36.25 16.07
CA GLU C 296 -22.97 -36.91 17.24
C GLU C 296 -22.57 -35.87 18.29
N GLU C 297 -21.97 -34.76 17.90
CA GLU C 297 -21.48 -33.71 18.82
C GLU C 297 -22.67 -33.06 19.55
N ILE C 298 -23.74 -32.72 18.83
CA ILE C 298 -24.94 -32.10 19.45
C ILE C 298 -25.40 -32.98 20.60
N SER C 299 -25.71 -34.26 20.33
CA SER C 299 -26.32 -35.15 21.37
C SER C 299 -25.28 -35.44 22.48
N ARG C 300 -23.99 -35.44 22.16
CA ARG C 300 -22.92 -35.77 23.13
C ARG C 300 -22.85 -34.69 24.21
N TRP C 301 -22.91 -33.41 23.84
CA TRP C 301 -22.96 -32.28 24.81
C TRP C 301 -24.30 -32.25 25.52
N GLU C 302 -25.39 -32.60 24.85
CA GLU C 302 -26.71 -32.78 25.51
C GLU C 302 -26.55 -33.81 26.64
N ASP C 303 -25.94 -34.97 26.39
CA ASP C 303 -25.63 -36.01 27.41
C ASP C 303 -24.75 -35.43 28.51
N VAL C 304 -23.69 -34.66 28.18
CA VAL C 304 -22.81 -33.99 29.18
C VAL C 304 -23.68 -33.10 30.08
N VAL C 305 -24.58 -32.32 29.50
CA VAL C 305 -25.34 -31.27 30.24
C VAL C 305 -26.38 -31.93 31.14
N GLU C 306 -26.96 -33.08 30.78
CA GLU C 306 -27.94 -33.83 31.63
C GLU C 306 -27.23 -34.90 32.48
N GLY C 307 -26.06 -35.39 32.07
CA GLY C 307 -25.37 -36.56 32.66
C GLY C 307 -24.59 -36.19 33.91
C1 MLT D . 7.76 1.84 -4.49
O1 MLT D . 6.66 1.28 -4.26
O2 MLT D . 8.39 2.40 -3.56
C2 MLT D . 8.27 1.87 -5.91
O3 MLT D . 8.30 0.61 -6.61
C3 MLT D . 9.70 2.33 -5.98
C4 MLT D . 9.98 2.34 -7.46
O4 MLT D . 9.76 1.30 -8.14
O5 MLT D . 10.41 3.41 -7.92
C1 LMR E . 7.97 1.90 -4.25
O1A LMR E . 6.78 1.75 -4.57
O1B LMR E . 8.37 2.19 -3.09
C2 LMR E . 9.02 1.70 -5.35
O2 LMR E . 8.89 0.48 -6.08
C3 LMR E . 9.04 2.83 -6.37
C4 LMR E . 9.89 2.37 -7.53
O4A LMR E . 10.96 2.98 -7.75
O4B LMR E . 9.51 1.37 -8.20
C1 MLT F . 3.05 24.23 -11.97
O1 MLT F . 1.81 24.03 -11.96
O2 MLT F . 3.58 24.88 -11.05
C2 MLT F . 4.03 23.76 -13.06
O3 MLT F . 4.38 24.71 -14.10
C3 MLT F . 3.49 22.53 -13.75
C4 MLT F . 4.34 22.12 -14.93
O4 MLT F . 4.08 20.99 -15.37
O5 MLT F . 5.20 22.90 -15.45
C1 LMR G . 2.88 24.16 -12.25
O1A LMR G . 2.16 23.21 -11.89
O1B LMR G . 3.07 25.20 -11.59
C2 LMR G . 3.59 24.04 -13.61
O2 LMR G . 4.73 24.88 -13.72
C3 LMR G . 4.00 22.58 -13.87
C4 LMR G . 4.85 22.43 -15.13
O4A LMR G . 5.46 23.43 -15.57
O4B LMR G . 4.88 21.31 -15.65
C1 MLT H . -12.27 -21.79 20.51
O1 MLT H . -13.28 -22.49 20.38
O2 MLT H . -11.74 -21.64 21.63
C2 MLT H . -11.71 -21.14 19.25
O3 MLT H . -11.66 -21.98 18.08
C3 MLT H . -10.28 -20.73 19.48
C4 MLT H . -9.94 -19.70 18.43
O4 MLT H . -9.71 -20.04 17.23
O5 MLT H . -9.92 -18.53 18.84
C1 LMR I . -12.23 -22.06 20.71
O1A LMR I . -13.38 -22.13 20.24
O1B LMR I . -11.93 -22.29 21.92
C2 LMR I . -11.12 -21.62 19.75
O2 LMR I . -11.18 -22.21 18.45
C3 LMR I . -11.19 -20.09 19.57
C4 LMR I . -10.13 -19.62 18.58
O4A LMR I . -9.39 -18.68 18.93
O4B LMR I . -10.06 -20.19 17.47
#